data_2X6H
#
_entry.id   2X6H
#
_cell.length_a   110.600
_cell.length_b   154.790
_cell.length_c   243.080
_cell.angle_alpha   90.00
_cell.angle_beta   90.00
_cell.angle_gamma   90.00
#
_symmetry.space_group_name_H-M   'I 21 21 21'
#
loop_
_entity.id
_entity.type
_entity.pdbx_description
1 polymer 'PHOSPHOTIDYLINOSITOL 3 KINASE 59F'
2 water water
#
_entity_poly.entity_id   1
_entity_poly.type   'polypeptide(L)'
_entity_poly.pdbx_seq_one_letter_code
;GSHMDSEIQMENLVERKHHRLARSERSGISDRDAKPTASIRDQLHTIVYRYPPTYVLSSEEQDLVWKFRFYLSSHKKALT
KFLKCINWKLEDEVTQALWMLANWAPMDVEDALELLSPTFTHPQVRKYAVSRLAQAPDEDLLLYLLQLVQALKYEDPRHI
VHLHGCIFPERDVVRSILDDNGSLLDQSSLSDLSATSSGLHASVIPANQRAASVLAAIKSDKSVSPGSAGGSGSGGQGSV
ALPNPSAPATPGSSSLPCDSNSNALMLAEGISFGSVPANLCTFLIQRACTNATLANYFYWYLSIEVEEVESVRKQDERAH
DMYAMVLKMFLKVLENGNFNLRGIFYNLRKQRRFIDELVKLVKLVAKEPGNRNKKTEKFQKLLAEQDMFKVNFTNFEPIP
FPLDPEIYITKIVPMRTSLFKSALMPAKLTFVTSIAHHEYAAIFKHGDDLRQDQLILQMITLMDKLLRRENLDLKLTPYK
VLATSSKHGFLQYVDSCTVAEVLAREGNIHNFFRKHHPCDNGPYGISAEVMDTYIKSCAGYCVITYLLGVGDRHLDNLLL
TTNGKLFHIDFGYILGRDPKPMPPPMKLSKEMVEAMGGISSEHHHEFRKQCYTAYLHLRRHANVMLNLFSLMVDATVPDI
ALEPDKAVKKVEENLQLGLTDEEAVQHLQSLLDVSITAVMPALVEQIHRFTQYWRK
;
_entity_poly.pdbx_strand_id   A,B
#
# COMPACT_ATOMS: atom_id res chain seq x y z
N ALA A 38 -12.41 7.85 -35.17
CA ALA A 38 -13.16 6.60 -34.83
C ALA A 38 -13.50 6.50 -33.33
N SER A 39 -14.28 5.47 -32.99
CA SER A 39 -14.83 5.22 -31.64
C SER A 39 -13.81 4.85 -30.54
N ILE A 40 -12.73 4.17 -30.92
CA ILE A 40 -11.69 3.63 -30.00
C ILE A 40 -10.43 4.35 -30.43
N ARG A 41 -10.37 4.65 -31.73
CA ARG A 41 -9.29 5.38 -32.35
C ARG A 41 -8.85 6.46 -31.39
N ASP A 42 -9.85 7.07 -30.74
CA ASP A 42 -9.66 8.21 -29.85
C ASP A 42 -8.85 7.81 -28.63
N GLN A 43 -9.09 6.63 -28.05
CA GLN A 43 -8.40 6.29 -26.80
C GLN A 43 -6.95 5.96 -27.12
N LEU A 44 -6.70 5.30 -28.24
CA LEU A 44 -5.34 4.89 -28.57
C LEU A 44 -4.53 6.15 -28.67
N HIS A 45 -5.14 7.22 -29.16
CA HIS A 45 -4.43 8.45 -29.40
C HIS A 45 -4.36 9.27 -28.13
N THR A 46 -5.39 9.22 -27.26
CA THR A 46 -5.42 10.07 -26.05
C THR A 46 -4.31 9.64 -25.08
N ILE A 47 -4.00 8.35 -25.07
CA ILE A 47 -2.97 7.78 -24.19
C ILE A 47 -1.64 8.38 -24.64
N VAL A 48 -1.53 8.71 -25.92
CA VAL A 48 -0.29 9.17 -26.57
C VAL A 48 -0.16 10.68 -26.35
N TYR A 49 -1.28 11.41 -26.35
CA TYR A 49 -1.29 12.87 -26.22
C TYR A 49 -0.99 13.20 -24.78
N ARG A 50 -1.41 12.31 -23.88
CA ARG A 50 -1.64 12.66 -22.49
C ARG A 50 -0.80 11.84 -21.51
N TYR A 51 0.02 10.92 -22.03
CA TYR A 51 0.84 10.08 -21.16
C TYR A 51 2.35 10.15 -21.47
N PRO A 52 2.78 9.56 -22.60
CA PRO A 52 4.22 9.63 -22.90
C PRO A 52 4.77 11.07 -22.87
N PRO A 53 5.89 11.30 -22.17
CA PRO A 53 6.51 12.64 -22.20
C PRO A 53 7.84 12.79 -22.98
N THR A 54 8.77 11.86 -22.75
CA THR A 54 10.08 11.85 -23.41
C THR A 54 10.18 10.60 -24.27
N TYR A 55 9.04 9.94 -24.45
CA TYR A 55 9.03 8.66 -25.12
C TYR A 55 9.43 8.81 -26.56
N VAL A 56 10.32 7.91 -26.98
CA VAL A 56 10.62 7.72 -28.38
C VAL A 56 9.55 6.76 -28.88
N LEU A 57 8.75 6.26 -27.92
CA LEU A 57 7.76 5.18 -28.10
C LEU A 57 6.96 5.25 -29.39
N SER A 58 6.54 6.47 -29.76
CA SER A 58 5.77 6.69 -30.99
C SER A 58 6.54 6.24 -32.23
N SER A 59 5.95 5.31 -32.99
CA SER A 59 6.55 4.82 -34.25
C SER A 59 5.53 4.69 -35.39
N GLU A 60 4.77 3.59 -35.40
CA GLU A 60 3.64 3.42 -36.31
C GLU A 60 2.67 4.53 -35.99
N GLU A 61 2.52 4.78 -34.69
CA GLU A 61 1.67 5.81 -34.13
C GLU A 61 1.83 7.05 -34.99
N GLN A 62 3.06 7.29 -35.43
CA GLN A 62 3.45 8.45 -36.22
C GLN A 62 2.59 8.57 -37.48
N ASP A 63 2.27 7.43 -38.10
CA ASP A 63 1.53 7.41 -39.37
C ASP A 63 0.06 7.65 -39.04
N LEU A 64 -0.36 7.16 -37.89
CA LEU A 64 -1.77 7.18 -37.51
C LEU A 64 -2.08 8.54 -36.90
N VAL A 65 -1.11 9.09 -36.16
CA VAL A 65 -1.32 10.40 -35.53
C VAL A 65 -1.45 11.30 -36.73
N TRP A 66 -0.69 11.00 -37.76
CA TRP A 66 -0.52 11.84 -38.96
C TRP A 66 -1.79 11.95 -39.74
N LYS A 67 -2.52 10.84 -39.85
CA LYS A 67 -3.71 10.79 -40.70
C LYS A 67 -4.78 11.57 -39.95
N PHE A 68 -4.71 11.50 -38.64
CA PHE A 68 -5.65 12.15 -37.75
C PHE A 68 -5.13 13.56 -37.49
N ARG A 69 -3.83 13.75 -37.72
CA ARG A 69 -3.18 15.04 -37.54
C ARG A 69 -3.93 16.04 -38.43
N PHE A 70 -4.33 15.59 -39.63
CA PHE A 70 -4.94 16.43 -40.66
C PHE A 70 -6.35 16.89 -40.27
N TYR A 71 -7.08 16.03 -39.57
CA TYR A 71 -8.48 16.30 -39.30
C TYR A 71 -8.54 17.07 -37.97
N LEU A 72 -7.84 16.58 -36.95
CA LEU A 72 -8.03 17.07 -35.59
C LEU A 72 -6.78 17.29 -34.73
N SER A 73 -6.54 18.56 -34.43
CA SER A 73 -5.58 18.95 -33.42
C SER A 73 -6.39 19.14 -32.15
N SER A 74 -6.64 18.04 -31.44
CA SER A 74 -7.47 18.07 -30.23
C SER A 74 -6.94 19.09 -29.23
N HIS A 75 -5.65 18.98 -28.92
CA HIS A 75 -5.05 19.77 -27.86
C HIS A 75 -3.67 20.24 -28.28
N LYS A 76 -3.17 21.25 -27.57
CA LYS A 76 -1.80 21.71 -27.65
C LYS A 76 -0.83 20.54 -27.45
N LYS A 77 -1.28 19.55 -26.68
CA LYS A 77 -0.48 18.40 -26.26
C LYS A 77 -0.24 17.59 -27.50
N ALA A 78 -1.25 17.61 -28.38
CA ALA A 78 -1.24 16.86 -29.63
C ALA A 78 -0.08 17.35 -30.47
N LEU A 79 0.13 18.67 -30.44
CA LEU A 79 1.04 19.34 -31.35
C LEU A 79 2.45 18.86 -31.13
N THR A 80 2.82 18.66 -29.87
CA THR A 80 4.21 18.32 -29.55
C THR A 80 4.44 16.95 -30.20
N LYS A 81 3.39 16.11 -30.19
CA LYS A 81 3.47 14.71 -30.59
C LYS A 81 3.54 14.67 -32.09
N PHE A 82 2.76 15.55 -32.72
CA PHE A 82 2.63 15.60 -34.15
C PHE A 82 4.03 15.89 -34.67
N LEU A 83 4.74 16.78 -33.99
CA LEU A 83 5.97 17.33 -34.51
C LEU A 83 7.01 16.26 -34.74
N LYS A 84 6.89 15.15 -34.03
CA LYS A 84 8.01 14.22 -33.88
C LYS A 84 8.33 13.44 -35.16
N CYS A 85 7.38 13.34 -36.09
CA CYS A 85 7.39 12.34 -37.17
C CYS A 85 7.79 12.95 -38.49
N ILE A 86 7.66 14.27 -38.60
CA ILE A 86 7.67 14.91 -39.90
C ILE A 86 9.09 15.17 -40.35
N ASN A 87 9.82 15.95 -39.53
CA ASN A 87 11.19 16.38 -39.82
C ASN A 87 12.12 15.17 -39.96
N TRP A 88 11.51 14.00 -39.83
CA TRP A 88 12.14 12.69 -39.94
C TRP A 88 12.99 12.54 -41.21
N LYS A 89 12.48 13.01 -42.35
CA LYS A 89 13.31 13.09 -43.56
C LYS A 89 12.89 14.22 -44.52
N LEU A 90 11.90 13.93 -45.37
CA LEU A 90 11.59 14.75 -46.55
C LEU A 90 11.22 16.21 -46.29
N GLU A 91 11.61 17.05 -47.25
CA GLU A 91 11.23 18.46 -47.32
C GLU A 91 9.76 18.63 -47.70
N ASP A 92 9.22 17.69 -48.49
CA ASP A 92 7.83 17.74 -48.96
C ASP A 92 6.97 17.55 -47.71
N GLU A 93 7.50 16.75 -46.78
CA GLU A 93 6.87 16.42 -45.51
C GLU A 93 6.95 17.67 -44.64
N VAL A 94 8.07 18.38 -44.74
CA VAL A 94 8.41 19.51 -43.87
C VAL A 94 7.44 20.64 -44.18
N THR A 95 7.11 20.80 -45.46
CA THR A 95 6.33 21.95 -45.93
C THR A 95 4.90 21.79 -45.47
N GLN A 96 4.46 20.54 -45.40
CA GLN A 96 3.07 20.25 -45.14
C GLN A 96 2.89 20.38 -43.63
N ALA A 97 3.94 20.06 -42.88
CA ALA A 97 3.89 19.97 -41.41
C ALA A 97 3.91 21.38 -40.86
N LEU A 98 4.62 22.26 -41.56
CA LEU A 98 4.89 23.61 -41.11
C LEU A 98 3.58 24.35 -41.22
N TRP A 99 2.79 23.99 -42.23
CA TRP A 99 1.53 24.66 -42.48
C TRP A 99 0.61 24.19 -41.37
N MET A 100 0.75 22.92 -41.00
CA MET A 100 -0.10 22.29 -40.00
C MET A 100 0.09 23.04 -38.70
N LEU A 101 1.30 23.52 -38.49
CA LEU A 101 1.75 24.11 -37.24
C LEU A 101 1.15 25.51 -37.10
N ALA A 102 1.04 26.23 -38.22
CA ALA A 102 0.62 27.63 -38.20
C ALA A 102 -0.81 27.73 -37.68
N ASN A 103 -1.59 26.67 -37.94
CA ASN A 103 -3.03 26.67 -37.72
C ASN A 103 -3.35 25.98 -36.40
N TRP A 104 -2.54 24.97 -36.07
CA TRP A 104 -2.68 24.19 -34.85
C TRP A 104 -2.92 25.03 -33.59
N ALA A 105 -3.77 24.47 -32.71
CA ALA A 105 -4.04 25.06 -31.39
C ALA A 105 -2.73 25.31 -30.63
N PRO A 106 -2.52 26.55 -30.18
CA PRO A 106 -1.18 27.00 -29.82
C PRO A 106 -0.65 26.27 -28.59
N MET A 107 0.63 25.88 -28.67
CA MET A 107 1.31 25.11 -27.64
C MET A 107 1.40 25.86 -26.33
N ASP A 108 1.44 25.10 -25.23
CA ASP A 108 1.75 25.63 -23.92
C ASP A 108 3.25 25.77 -23.73
N VAL A 109 3.65 26.89 -23.15
CA VAL A 109 5.05 27.19 -22.80
C VAL A 109 5.85 25.96 -22.38
N GLU A 110 5.24 25.07 -21.60
CA GLU A 110 5.92 23.89 -21.02
C GLU A 110 6.38 23.00 -22.14
N ASP A 111 5.57 22.95 -23.21
CA ASP A 111 5.79 22.06 -24.33
C ASP A 111 6.73 22.82 -25.26
N ALA A 112 6.53 24.14 -25.32
CA ALA A 112 7.35 25.01 -26.15
C ALA A 112 8.79 24.82 -25.68
N LEU A 113 8.97 24.57 -24.38
CA LEU A 113 10.28 24.42 -23.77
C LEU A 113 11.00 23.27 -24.45
N GLU A 114 10.26 22.22 -24.77
CA GLU A 114 10.83 21.01 -25.36
C GLU A 114 11.39 21.38 -26.74
N LEU A 115 10.81 22.39 -27.35
CA LEU A 115 11.12 22.72 -28.73
C LEU A 115 12.50 23.37 -28.80
N LEU A 116 12.92 24.00 -27.70
CA LEU A 116 14.15 24.78 -27.73
C LEU A 116 15.24 23.77 -27.52
N SER A 117 14.81 22.60 -27.05
CA SER A 117 15.63 21.45 -26.80
C SER A 117 16.45 21.08 -28.01
N PRO A 118 17.57 20.36 -27.78
CA PRO A 118 18.54 20.08 -28.82
C PRO A 118 18.04 19.07 -29.86
N THR A 119 16.93 18.40 -29.56
CA THR A 119 16.42 17.35 -30.44
C THR A 119 15.80 17.86 -31.74
N PHE A 120 15.21 19.06 -31.72
CA PHE A 120 14.58 19.66 -32.92
C PHE A 120 15.43 20.79 -33.53
N THR A 121 16.03 20.53 -34.69
CA THR A 121 16.91 21.48 -35.37
C THR A 121 16.19 22.67 -36.03
N HIS A 122 14.97 22.45 -36.52
CA HIS A 122 14.39 23.32 -37.56
C HIS A 122 13.97 24.74 -37.15
N PRO A 123 14.63 25.75 -37.75
CA PRO A 123 14.38 27.19 -37.52
C PRO A 123 12.92 27.63 -37.37
N GLN A 124 11.96 26.97 -37.99
CA GLN A 124 10.59 27.48 -37.96
C GLN A 124 9.94 27.09 -36.64
N VAL A 125 10.33 25.94 -36.11
CA VAL A 125 9.71 25.37 -34.92
C VAL A 125 10.26 26.16 -33.71
N ARG A 126 11.46 26.68 -33.87
CA ARG A 126 12.20 27.34 -32.80
C ARG A 126 11.69 28.77 -32.74
N LYS A 127 11.41 29.35 -33.90
CA LYS A 127 10.86 30.67 -33.98
C LYS A 127 9.55 30.50 -33.24
N TYR A 128 8.95 29.33 -33.41
CA TYR A 128 7.61 29.08 -32.91
C TYR A 128 7.66 28.94 -31.41
N ALA A 129 8.74 28.35 -30.89
CA ALA A 129 8.88 28.12 -29.46
C ALA A 129 9.04 29.49 -28.81
N VAL A 130 9.72 30.39 -29.51
CA VAL A 130 10.07 31.71 -29.00
C VAL A 130 8.81 32.56 -28.98
N SER A 131 7.91 32.34 -29.95
CA SER A 131 6.69 33.13 -30.08
C SER A 131 5.77 32.74 -28.90
N ARG A 132 5.87 31.48 -28.48
CA ARG A 132 5.01 30.92 -27.44
C ARG A 132 5.41 31.53 -26.10
N LEU A 133 6.72 31.74 -25.91
CA LEU A 133 7.27 32.25 -24.66
C LEU A 133 6.89 33.70 -24.60
N ALA A 134 6.95 34.36 -25.76
CA ALA A 134 6.74 35.81 -25.85
C ALA A 134 5.36 36.07 -25.28
N GLN A 135 4.49 35.08 -25.40
CA GLN A 135 3.10 35.25 -25.05
C GLN A 135 3.03 35.15 -23.53
N ALA A 136 3.95 34.39 -22.94
CA ALA A 136 4.07 34.21 -21.49
C ALA A 136 4.34 35.49 -20.72
N PRO A 137 3.86 35.56 -19.46
CA PRO A 137 4.13 36.62 -18.49
C PRO A 137 5.49 36.46 -17.83
N ASP A 138 6.08 37.57 -17.36
CA ASP A 138 7.46 37.61 -16.80
C ASP A 138 7.70 36.64 -15.67
N GLU A 139 6.71 36.46 -14.81
CA GLU A 139 6.84 35.62 -13.61
C GLU A 139 7.13 34.18 -14.01
N ASP A 140 6.50 33.74 -15.09
CA ASP A 140 6.63 32.37 -15.58
C ASP A 140 7.98 32.25 -16.25
N LEU A 141 8.42 33.36 -16.85
CA LEU A 141 9.60 33.39 -17.68
C LEU A 141 10.82 33.27 -16.78
N LEU A 142 10.70 33.76 -15.55
CA LEU A 142 11.82 33.86 -14.60
C LEU A 142 12.11 32.47 -14.08
N LEU A 143 11.06 31.70 -13.89
CA LEU A 143 11.13 30.35 -13.34
C LEU A 143 11.97 29.51 -14.28
N TYR A 144 11.75 29.67 -15.57
CA TYR A 144 12.36 28.85 -16.60
C TYR A 144 13.71 29.41 -16.99
N LEU A 145 13.90 30.70 -16.76
CA LEU A 145 15.04 31.45 -17.31
C LEU A 145 16.35 30.66 -17.20
N LEU A 146 16.53 29.98 -16.08
CA LEU A 146 17.75 29.26 -15.81
C LEU A 146 17.96 28.25 -16.94
N GLN A 147 16.86 27.67 -17.42
CA GLN A 147 16.83 26.64 -18.46
C GLN A 147 17.03 27.30 -19.81
N LEU A 148 16.51 28.51 -19.94
CA LEU A 148 16.54 29.23 -21.19
C LEU A 148 17.98 29.62 -21.46
N VAL A 149 18.74 29.86 -20.41
CA VAL A 149 20.11 30.29 -20.59
C VAL A 149 20.88 29.08 -21.15
N GLN A 150 20.51 27.88 -20.72
CA GLN A 150 21.18 26.67 -21.20
C GLN A 150 20.64 26.48 -22.60
N ALA A 151 19.38 26.85 -22.81
CA ALA A 151 18.71 26.68 -24.11
C ALA A 151 19.53 27.39 -25.20
N LEU A 152 20.21 28.48 -24.83
CA LEU A 152 21.01 29.29 -25.74
C LEU A 152 22.02 28.41 -26.48
N LYS A 153 22.50 27.38 -25.81
CA LYS A 153 23.59 26.56 -26.34
C LYS A 153 23.12 25.90 -27.63
N TYR A 154 21.82 25.67 -27.72
CA TYR A 154 21.23 24.87 -28.77
C TYR A 154 20.86 25.62 -30.02
N GLU A 155 20.76 26.95 -29.94
CA GLU A 155 20.47 27.76 -31.12
C GLU A 155 21.64 27.89 -32.07
N ASP A 156 21.36 28.11 -33.36
CA ASP A 156 22.44 28.31 -34.34
C ASP A 156 23.32 29.50 -33.98
N PRO A 157 24.64 29.28 -33.98
CA PRO A 157 25.59 30.35 -33.63
C PRO A 157 25.43 31.52 -34.59
N ARG A 158 25.06 31.21 -35.84
CA ARG A 158 24.99 32.24 -36.87
C ARG A 158 24.00 33.36 -36.55
N HIS A 159 22.84 33.02 -35.98
CA HIS A 159 21.87 34.02 -35.47
C HIS A 159 22.52 34.92 -34.43
N ILE A 160 23.42 34.37 -33.62
CA ILE A 160 23.98 35.07 -32.47
C ILE A 160 25.09 35.98 -32.98
N VAL A 161 25.80 35.51 -34.01
CA VAL A 161 26.97 36.23 -34.55
C VAL A 161 26.42 37.39 -35.40
N HIS A 162 25.25 37.19 -36.01
CA HIS A 162 24.68 38.18 -36.93
C HIS A 162 24.15 39.33 -36.09
N LEU A 163 23.65 39.03 -34.91
CA LEU A 163 23.08 40.03 -34.01
C LEU A 163 24.25 40.80 -33.46
N HIS A 164 25.36 40.10 -33.22
CA HIS A 164 26.55 40.74 -32.69
C HIS A 164 26.97 41.77 -33.74
N GLY A 165 26.82 41.41 -35.01
CA GLY A 165 27.27 42.22 -36.13
C GLY A 165 26.43 43.48 -36.19
N CYS A 166 25.13 43.32 -35.89
CA CYS A 166 24.13 44.39 -36.00
C CYS A 166 24.37 45.44 -34.90
N ILE A 167 24.82 45.00 -33.73
CA ILE A 167 24.92 45.90 -32.58
C ILE A 167 26.30 46.60 -32.63
N PHE A 168 27.28 45.92 -33.24
CA PHE A 168 28.64 46.44 -33.41
C PHE A 168 28.97 46.58 -34.90
N ASN A 279 15.97 34.12 -33.07
CA ASN A 279 14.95 34.85 -32.35
C ASN A 279 15.05 34.76 -30.82
N LEU A 280 15.21 33.55 -30.27
CA LEU A 280 15.26 33.38 -28.80
C LEU A 280 16.27 34.29 -28.12
N CYS A 281 17.43 34.46 -28.72
CA CYS A 281 18.51 35.18 -28.06
C CYS A 281 18.14 36.66 -28.06
N THR A 282 17.56 37.12 -29.16
CA THR A 282 17.22 38.53 -29.31
C THR A 282 16.13 38.71 -28.29
N PHE A 283 15.33 37.66 -28.12
CA PHE A 283 14.12 37.70 -27.30
C PHE A 283 14.51 37.84 -25.84
N LEU A 284 15.50 37.07 -25.38
CA LEU A 284 15.86 37.09 -23.97
C LEU A 284 16.40 38.48 -23.65
N ILE A 285 17.22 39.03 -24.54
CA ILE A 285 17.82 40.31 -24.28
C ILE A 285 16.67 41.30 -24.28
N GLN A 286 15.73 41.15 -25.21
CA GLN A 286 14.77 42.22 -25.43
C GLN A 286 13.91 42.28 -24.20
N ARG A 287 13.58 41.13 -23.67
CA ARG A 287 12.68 41.05 -22.53
C ARG A 287 13.41 41.41 -21.25
N ALA A 288 14.68 41.02 -21.13
CA ALA A 288 15.43 41.29 -19.91
C ALA A 288 15.48 42.80 -19.79
N CYS A 289 15.55 43.52 -20.91
CA CYS A 289 15.68 44.99 -20.86
C CYS A 289 14.39 45.60 -20.34
N THR A 290 13.30 44.84 -20.47
CA THR A 290 11.96 45.38 -20.32
C THR A 290 11.66 45.48 -18.84
N ASN A 291 12.29 44.60 -18.06
CA ASN A 291 11.91 44.37 -16.66
C ASN A 291 13.18 44.12 -15.85
N ALA A 292 13.32 44.93 -14.80
CA ALA A 292 14.56 45.05 -14.02
C ALA A 292 14.96 43.79 -13.29
N THR A 293 14.01 43.02 -12.75
CA THR A 293 14.37 41.85 -11.98
C THR A 293 14.84 40.76 -12.96
N LEU A 294 14.20 40.67 -14.13
CA LEU A 294 14.55 39.69 -15.18
C LEU A 294 15.97 39.92 -15.64
N ALA A 295 16.34 41.20 -15.75
CA ALA A 295 17.65 41.65 -16.19
C ALA A 295 18.68 41.19 -15.17
N ASN A 296 18.29 41.26 -13.90
CA ASN A 296 19.14 40.92 -12.78
C ASN A 296 19.50 39.45 -12.91
N TYR A 297 18.54 38.61 -13.23
CA TYR A 297 18.79 37.19 -13.21
C TYR A 297 19.51 36.83 -14.46
N PHE A 298 19.15 37.51 -15.54
CA PHE A 298 19.68 37.17 -16.83
C PHE A 298 21.16 37.42 -16.69
N TYR A 299 21.52 38.54 -16.06
CA TYR A 299 22.90 38.95 -15.97
C TYR A 299 23.69 37.95 -15.15
N TRP A 300 23.13 37.51 -14.04
CA TRP A 300 23.92 36.74 -13.12
C TRP A 300 24.15 35.34 -13.66
N TYR A 301 23.19 34.85 -14.42
CA TYR A 301 23.24 33.53 -15.04
C TYR A 301 24.25 33.52 -16.15
N LEU A 302 24.33 34.62 -16.88
CA LEU A 302 25.24 34.76 -18.01
C LEU A 302 26.66 34.85 -17.47
N SER A 303 26.86 35.51 -16.32
CA SER A 303 28.21 35.75 -15.78
C SER A 303 28.83 34.46 -15.29
N ILE A 304 28.02 33.57 -14.71
CA ILE A 304 28.57 32.38 -14.09
C ILE A 304 29.13 31.66 -15.31
N GLU A 305 28.44 31.81 -16.44
CA GLU A 305 28.70 31.02 -17.65
C GLU A 305 29.94 31.50 -18.36
N VAL A 306 30.24 32.79 -18.25
CA VAL A 306 31.26 33.44 -19.07
C VAL A 306 32.63 33.19 -18.47
N GLU A 307 32.74 33.38 -17.16
CA GLU A 307 33.99 33.16 -16.43
C GLU A 307 34.64 31.81 -16.80
N GLU A 308 35.96 31.82 -16.81
CA GLU A 308 36.81 30.64 -17.11
C GLU A 308 36.34 29.38 -16.36
N LYS A 314 37.51 22.04 -25.01
CA LYS A 314 36.86 21.29 -26.10
C LYS A 314 35.59 21.97 -26.68
N GLN A 315 34.41 21.60 -26.17
CA GLN A 315 33.15 22.23 -26.57
C GLN A 315 32.82 23.36 -25.64
N ASP A 316 33.44 23.31 -24.46
CA ASP A 316 33.33 24.36 -23.47
C ASP A 316 33.83 25.66 -24.06
N GLU A 317 35.01 25.62 -24.68
CA GLU A 317 35.57 26.79 -25.35
C GLU A 317 34.53 27.44 -26.28
N ARG A 318 33.73 26.63 -26.98
CA ARG A 318 32.79 27.17 -27.98
C ARG A 318 31.66 27.85 -27.23
N ALA A 319 31.20 27.20 -26.17
CA ALA A 319 30.02 27.60 -25.41
C ALA A 319 30.31 28.85 -24.60
N HIS A 320 31.51 28.93 -24.04
CA HIS A 320 31.93 30.05 -23.23
C HIS A 320 31.92 31.23 -24.19
N ASP A 321 32.49 31.05 -25.39
CA ASP A 321 32.65 32.14 -26.35
C ASP A 321 31.28 32.69 -26.71
N MET A 322 30.27 31.80 -26.75
CA MET A 322 28.94 32.17 -27.16
C MET A 322 28.35 33.03 -26.06
N TYR A 323 28.60 32.65 -24.81
CA TYR A 323 27.97 33.32 -23.67
C TYR A 323 28.61 34.68 -23.53
N ALA A 324 29.89 34.75 -23.84
CA ALA A 324 30.67 35.97 -23.64
C ALA A 324 30.00 36.94 -24.59
N MET A 325 29.55 36.42 -25.73
CA MET A 325 29.08 37.25 -26.83
C MET A 325 27.73 37.80 -26.44
N VAL A 326 26.95 36.99 -25.74
CA VAL A 326 25.59 37.35 -25.41
C VAL A 326 25.70 38.47 -24.41
N LEU A 327 26.66 38.34 -23.50
CA LEU A 327 26.79 39.28 -22.40
C LEU A 327 27.21 40.64 -22.95
N LYS A 328 28.04 40.65 -23.98
CA LYS A 328 28.63 41.89 -24.44
C LYS A 328 27.50 42.63 -25.13
N MET A 329 26.61 41.85 -25.73
CA MET A 329 25.54 42.38 -26.54
C MET A 329 24.49 42.94 -25.61
N PHE A 330 24.21 42.23 -24.52
CA PHE A 330 23.17 42.60 -23.56
C PHE A 330 23.59 43.87 -22.87
N LEU A 331 24.87 43.97 -22.55
CA LEU A 331 25.42 45.07 -21.78
C LEU A 331 25.45 46.30 -22.66
N LYS A 332 25.62 46.10 -23.98
CA LYS A 332 25.87 47.19 -24.91
C LYS A 332 24.52 47.78 -25.26
N VAL A 333 23.50 46.92 -25.27
CA VAL A 333 22.14 47.34 -25.58
C VAL A 333 21.69 48.19 -24.40
N LEU A 334 22.05 47.77 -23.18
CA LEU A 334 21.58 48.43 -21.97
C LEU A 334 22.21 49.80 -21.82
N GLU A 335 23.50 49.91 -22.12
CA GLU A 335 24.28 51.15 -21.99
C GLU A 335 23.63 52.13 -22.93
N ASN A 336 23.01 51.62 -23.98
CA ASN A 336 22.59 52.48 -25.04
C ASN A 336 21.14 52.88 -24.93
N GLY A 337 20.29 52.23 -24.12
CA GLY A 337 18.84 52.35 -24.44
C GLY A 337 18.23 53.66 -23.96
N ASN A 338 17.57 53.79 -22.81
CA ASN A 338 17.19 55.18 -22.51
C ASN A 338 17.45 55.53 -21.08
N PHE A 339 16.42 55.69 -20.26
CA PHE A 339 16.68 56.12 -18.89
C PHE A 339 16.48 54.86 -18.18
N ASN A 340 15.54 54.10 -18.71
CA ASN A 340 15.08 52.91 -18.06
C ASN A 340 16.11 51.83 -18.30
N LEU A 341 16.81 51.90 -19.43
CA LEU A 341 17.65 50.78 -19.80
C LEU A 341 18.98 51.06 -19.14
N ARG A 342 19.37 52.34 -19.11
CA ARG A 342 20.69 52.72 -18.58
C ARG A 342 20.59 52.47 -17.08
N GLY A 343 19.42 52.76 -16.51
CA GLY A 343 19.23 52.64 -15.08
C GLY A 343 19.58 51.23 -14.69
N ILE A 344 19.17 50.27 -15.51
CA ILE A 344 19.40 48.84 -15.24
C ILE A 344 20.90 48.63 -15.24
N PHE A 345 21.58 49.26 -16.19
CA PHE A 345 22.99 49.03 -16.41
C PHE A 345 23.79 49.58 -15.24
N TYR A 346 23.39 50.72 -14.73
CA TYR A 346 24.08 51.32 -13.60
C TYR A 346 23.92 50.41 -12.39
N ASN A 347 22.75 49.81 -12.22
CA ASN A 347 22.46 49.05 -11.02
C ASN A 347 23.28 47.78 -11.03
N LEU A 348 23.39 47.17 -12.19
CA LEU A 348 24.10 45.89 -12.31
C LEU A 348 25.54 46.19 -11.93
N ARG A 349 26.02 47.38 -12.26
CA ARG A 349 27.43 47.72 -12.07
C ARG A 349 27.64 47.86 -10.58
N LYS A 350 26.67 48.43 -9.89
CA LYS A 350 26.76 48.66 -8.45
C LYS A 350 26.83 47.31 -7.75
N GLN A 351 26.03 46.34 -8.20
CA GLN A 351 26.03 45.03 -7.58
C GLN A 351 27.40 44.43 -7.85
N ARG A 352 27.89 44.60 -9.08
CA ARG A 352 29.14 43.95 -9.51
C ARG A 352 30.28 44.49 -8.66
N ARG A 353 30.30 45.79 -8.41
CA ARG A 353 31.34 46.40 -7.61
C ARG A 353 31.20 45.90 -6.18
N PHE A 354 29.97 45.78 -5.72
CA PHE A 354 29.73 45.52 -4.30
C PHE A 354 30.18 44.10 -3.97
N ILE A 355 29.93 43.17 -4.88
CA ILE A 355 30.20 41.76 -4.63
C ILE A 355 31.70 41.59 -4.61
N ASP A 356 32.42 42.35 -5.41
CA ASP A 356 33.85 42.17 -5.61
C ASP A 356 34.56 42.58 -4.34
N GLU A 357 34.06 43.62 -3.71
CA GLU A 357 34.67 44.17 -2.52
C GLU A 357 34.28 43.19 -1.41
N LEU A 358 33.07 42.66 -1.49
CA LEU A 358 32.58 41.79 -0.45
C LEU A 358 33.48 40.56 -0.48
N VAL A 359 33.93 40.19 -1.66
CA VAL A 359 34.66 38.95 -1.87
C VAL A 359 36.06 39.17 -1.31
N LYS A 360 36.56 40.39 -1.45
CA LYS A 360 37.91 40.72 -1.03
C LYS A 360 37.94 40.60 0.48
N LEU A 361 36.90 41.10 1.12
CA LEU A 361 36.82 41.12 2.57
C LEU A 361 36.74 39.68 3.06
N VAL A 362 35.92 38.85 2.44
CA VAL A 362 35.73 37.48 2.92
C VAL A 362 37.07 36.75 2.84
N LYS A 363 37.87 37.08 1.83
CA LYS A 363 39.14 36.37 1.58
C LYS A 363 40.13 36.74 2.67
N LEU A 364 40.00 37.94 3.22
CA LEU A 364 40.92 38.41 4.23
C LEU A 364 40.54 37.62 5.48
N VAL A 365 39.25 37.39 5.67
CA VAL A 365 38.73 36.71 6.86
C VAL A 365 39.21 35.29 6.76
N ALA A 366 39.19 34.75 5.55
CA ALA A 366 39.54 33.34 5.31
C ALA A 366 41.01 33.14 5.68
N LYS A 367 41.81 34.19 5.50
CA LYS A 367 43.25 34.10 5.66
C LYS A 367 43.63 34.17 7.12
N GLU A 368 42.92 35.01 7.88
CA GLU A 368 43.18 35.20 9.30
C GLU A 368 43.07 33.86 10.05
N PRO A 369 44.12 33.49 10.80
CA PRO A 369 44.07 32.23 11.53
C PRO A 369 43.10 32.31 12.72
N GLY A 370 42.34 31.23 12.94
CA GLY A 370 41.50 31.14 14.13
C GLY A 370 40.27 30.27 13.99
N ASN A 371 39.62 29.98 15.11
CA ASN A 371 38.34 29.27 15.10
C ASN A 371 37.18 30.18 14.71
N ARG A 372 36.02 29.57 14.56
CA ARG A 372 34.84 30.24 14.04
C ARG A 372 34.68 31.61 14.66
N ASN A 373 34.76 31.66 15.98
CA ASN A 373 34.48 32.88 16.73
C ASN A 373 35.50 33.95 16.50
N LYS A 374 36.73 33.55 16.28
CA LYS A 374 37.81 34.51 16.15
C LYS A 374 37.71 35.11 14.75
N LYS A 375 37.27 34.30 13.79
CA LYS A 375 37.19 34.70 12.40
C LYS A 375 35.99 35.60 12.26
N THR A 376 34.92 35.29 12.98
CA THR A 376 33.73 36.10 12.86
C THR A 376 34.03 37.49 13.42
N GLU A 377 34.85 37.56 14.45
CA GLU A 377 35.26 38.83 15.06
C GLU A 377 36.05 39.68 14.06
N LYS A 378 36.90 39.02 13.29
CA LYS A 378 37.75 39.67 12.29
C LYS A 378 36.84 40.21 11.19
N PHE A 379 35.79 39.46 10.91
CA PHE A 379 34.84 39.76 9.84
C PHE A 379 34.10 41.01 10.28
N GLN A 380 33.73 41.07 11.56
CA GLN A 380 32.92 42.19 12.05
C GLN A 380 33.77 43.45 12.05
N LYS A 381 35.05 43.32 12.38
CA LYS A 381 35.91 44.49 12.47
C LYS A 381 36.07 45.00 11.05
N LEU A 382 36.15 44.11 10.07
CA LEU A 382 36.46 44.50 8.70
C LEU A 382 35.32 45.34 8.11
N LEU A 383 34.09 45.01 8.45
CA LEU A 383 32.94 45.65 7.82
C LEU A 383 32.91 47.08 8.29
N ALA A 384 33.39 47.28 9.51
CA ALA A 384 33.22 48.51 10.25
C ALA A 384 34.38 49.42 9.88
N GLU A 385 35.47 48.82 9.40
CA GLU A 385 36.54 49.59 8.83
C GLU A 385 35.97 50.31 7.66
N GLN A 386 35.83 51.62 7.77
CA GLN A 386 35.24 52.37 6.68
C GLN A 386 36.34 52.76 5.75
N ASP A 387 35.99 52.90 4.47
CA ASP A 387 36.96 53.32 3.45
C ASP A 387 38.34 52.58 3.47
N MET A 388 38.35 51.34 3.96
CA MET A 388 39.45 50.42 3.70
C MET A 388 39.18 49.70 2.38
N PHE A 389 37.94 49.78 1.94
CA PHE A 389 37.50 49.12 0.73
C PHE A 389 36.96 50.17 -0.22
N LYS A 390 36.83 49.80 -1.49
CA LYS A 390 36.22 50.69 -2.47
C LYS A 390 34.77 50.97 -2.13
N VAL A 391 34.18 50.17 -1.25
CA VAL A 391 32.83 50.42 -0.76
C VAL A 391 32.86 50.61 0.76
N ASN A 392 31.94 51.41 1.29
CA ASN A 392 31.86 51.58 2.74
C ASN A 392 30.68 50.77 3.28
N PHE A 393 30.96 49.60 3.81
CA PHE A 393 29.90 48.68 4.21
C PHE A 393 28.97 49.20 5.29
N THR A 394 29.44 50.16 6.09
CA THR A 394 28.60 50.74 7.13
C THR A 394 27.56 51.68 6.52
N ASN A 395 27.94 52.45 5.49
CA ASN A 395 26.92 53.07 4.66
C ASN A 395 27.23 52.79 3.21
N PHE A 396 26.26 52.49 2.36
CA PHE A 396 26.52 52.75 0.95
C PHE A 396 25.34 53.39 0.25
N GLU A 397 25.48 53.74 -1.02
CA GLU A 397 24.29 54.01 -1.82
C GLU A 397 23.49 52.76 -2.17
N PRO A 398 22.15 52.89 -2.22
CA PRO A 398 21.19 51.82 -2.47
C PRO A 398 21.54 50.97 -3.67
N ILE A 399 21.51 49.66 -3.47
CA ILE A 399 21.80 48.71 -4.51
C ILE A 399 20.71 47.67 -4.42
N PRO A 400 20.05 47.37 -5.56
CA PRO A 400 19.16 46.21 -5.62
C PRO A 400 19.90 44.94 -5.21
N PHE A 401 19.31 44.17 -4.32
CA PHE A 401 19.95 42.98 -3.81
C PHE A 401 19.88 41.90 -4.88
N PRO A 402 21.01 41.25 -5.20
CA PRO A 402 20.96 40.16 -6.18
C PRO A 402 20.02 38.99 -5.92
N LEU A 403 19.85 38.58 -4.68
CA LEU A 403 18.83 37.59 -4.35
C LEU A 403 17.44 38.15 -4.59
N ASP A 404 17.24 39.41 -4.23
CA ASP A 404 15.98 40.06 -4.48
C ASP A 404 16.12 41.49 -4.97
N PRO A 405 16.06 41.65 -6.30
CA PRO A 405 16.24 42.91 -6.98
C PRO A 405 15.21 43.92 -6.52
N GLU A 406 14.17 43.45 -5.83
CA GLU A 406 13.11 44.35 -5.41
C GLU A 406 13.44 45.22 -4.22
N ILE A 407 14.37 44.74 -3.40
CA ILE A 407 14.79 45.40 -2.16
C ILE A 407 16.10 46.10 -2.43
N TYR A 408 16.20 47.38 -2.10
CA TYR A 408 17.52 47.98 -2.18
C TYR A 408 18.25 47.61 -0.89
N ILE A 409 19.57 47.50 -0.84
CA ILE A 409 20.16 47.59 0.49
C ILE A 409 20.86 48.90 0.63
N THR A 410 21.49 49.21 1.76
CA THR A 410 22.21 50.48 1.94
C THR A 410 23.19 50.26 3.07
N LYS A 411 23.28 49.14 3.74
CA LYS A 411 23.98 49.19 5.07
C LYS A 411 24.34 47.74 5.33
N ILE A 412 25.40 47.43 6.05
CA ILE A 412 25.38 46.15 6.76
C ILE A 412 25.53 46.46 8.24
N VAL A 413 25.03 45.59 9.11
CA VAL A 413 25.23 45.79 10.54
C VAL A 413 26.35 44.87 11.05
N PRO A 414 27.57 45.42 11.21
CA PRO A 414 28.78 44.60 11.40
C PRO A 414 28.67 43.69 12.62
N MET A 415 28.02 44.18 13.66
CA MET A 415 27.86 43.43 14.91
C MET A 415 26.75 42.38 14.90
N ARG A 416 25.82 42.49 13.97
CA ARG A 416 24.80 41.47 13.90
C ARG A 416 25.27 40.24 13.13
N THR A 417 26.46 40.31 12.53
CA THR A 417 26.83 39.24 11.60
C THR A 417 27.46 38.02 12.27
N SER A 418 26.99 36.83 11.88
CA SER A 418 27.50 35.57 12.43
C SER A 418 28.12 34.65 11.36
N LEU A 419 28.84 33.61 11.79
CA LEU A 419 29.16 32.52 10.86
C LEU A 419 28.55 31.19 11.26
N PHE A 420 28.12 30.45 10.25
CA PHE A 420 27.53 29.14 10.49
C PHE A 420 28.53 28.09 10.96
N LYS A 421 28.03 27.21 11.82
CA LYS A 421 28.78 26.09 12.41
C LYS A 421 29.14 25.07 11.33
N SER A 422 28.44 25.17 10.19
CA SER A 422 28.78 24.46 8.96
C SER A 422 30.28 24.59 8.68
N ALA A 423 30.83 23.63 7.93
CA ALA A 423 32.27 23.48 7.81
C ALA A 423 32.89 24.46 6.79
N LEU A 424 32.24 24.70 5.67
CA LEU A 424 32.52 25.96 5.00
C LEU A 424 31.83 26.95 5.93
N MET A 425 32.42 28.13 6.15
CA MET A 425 31.79 29.06 7.09
C MET A 425 31.08 30.22 6.43
N PRO A 426 29.80 30.02 6.10
CA PRO A 426 28.97 31.06 5.52
C PRO A 426 28.83 32.22 6.46
N ALA A 427 28.90 33.45 5.96
CA ALA A 427 28.59 34.55 6.84
C ALA A 427 27.09 34.52 6.91
N LYS A 428 26.46 34.98 7.98
CA LYS A 428 25.13 35.52 7.73
C LYS A 428 25.40 37.00 7.58
N LEU A 429 24.68 37.75 6.78
CA LEU A 429 24.77 39.20 7.03
C LEU A 429 23.43 39.75 7.36
N THR A 430 23.36 40.90 8.02
CA THR A 430 22.11 41.61 8.03
C THR A 430 22.36 42.78 7.13
N PHE A 431 21.36 43.22 6.40
CA PHE A 431 21.52 44.54 5.82
C PHE A 431 20.53 45.47 6.40
N VAL A 432 20.63 46.78 6.20
CA VAL A 432 19.35 47.44 6.29
C VAL A 432 18.93 47.75 4.87
N THR A 433 17.63 47.88 4.67
CA THR A 433 17.11 48.32 3.39
C THR A 433 16.82 49.79 3.32
N SER A 434 16.48 50.21 2.09
CA SER A 434 16.09 51.58 1.80
C SER A 434 14.79 51.97 2.52
N ILE A 435 14.03 50.99 3.01
CA ILE A 435 12.77 51.28 3.67
C ILE A 435 12.89 51.17 5.19
N ALA A 436 12.60 52.29 5.87
CA ALA A 436 12.40 52.35 7.33
C ALA A 436 13.42 51.57 8.14
N HIS A 437 14.65 51.53 7.65
CA HIS A 437 15.75 50.78 8.28
C HIS A 437 15.45 49.28 8.49
N HIS A 438 14.57 48.72 7.64
CA HIS A 438 14.16 47.29 7.72
C HIS A 438 15.37 46.42 7.66
N GLU A 439 15.27 45.19 8.15
CA GLU A 439 16.43 44.37 7.95
C GLU A 439 16.18 43.44 6.79
N TYR A 440 17.24 42.94 6.18
CA TYR A 440 17.11 41.71 5.43
C TYR A 440 18.19 40.87 6.06
N ALA A 441 18.11 39.55 6.13
CA ALA A 441 19.41 38.91 6.21
C ALA A 441 19.63 38.11 4.98
N ALA A 442 20.88 37.89 4.63
CA ALA A 442 21.15 36.78 3.72
C ALA A 442 22.26 35.95 4.22
N ILE A 443 22.54 34.84 3.56
CA ILE A 443 23.82 34.24 3.77
C ILE A 443 24.76 34.61 2.66
N PHE A 444 26.05 34.58 2.92
CA PHE A 444 27.03 34.59 1.86
C PHE A 444 27.98 33.44 2.05
N LYS A 445 28.05 32.59 1.03
CA LYS A 445 28.80 31.37 1.13
C LYS A 445 29.97 31.37 0.14
N HIS A 446 31.13 31.00 0.64
CA HIS A 446 32.35 31.08 -0.14
C HIS A 446 33.14 29.76 -0.19
N GLY A 447 32.45 28.65 -0.40
CA GLY A 447 33.14 27.38 -0.57
C GLY A 447 32.82 26.60 -1.84
N ASP A 448 31.54 26.52 -2.20
CA ASP A 448 31.19 25.77 -3.40
C ASP A 448 30.37 26.51 -4.47
N ASP A 449 30.16 25.79 -5.57
CA ASP A 449 29.43 26.25 -6.74
C ASP A 449 27.98 26.02 -6.44
N LEU A 450 27.22 27.10 -6.27
CA LEU A 450 25.83 26.97 -5.80
C LEU A 450 24.83 26.54 -6.87
N ARG A 451 25.33 26.31 -8.08
CA ARG A 451 24.50 26.00 -9.26
C ARG A 451 23.60 24.79 -9.10
N GLN A 452 24.09 23.75 -8.46
CA GLN A 452 23.33 22.54 -8.32
C GLN A 452 22.16 22.85 -7.39
N ASP A 453 22.40 23.76 -6.45
CA ASP A 453 21.43 24.10 -5.41
C ASP A 453 20.36 24.98 -6.01
N GLN A 454 20.72 25.83 -6.98
CA GLN A 454 19.68 26.73 -7.52
C GLN A 454 18.76 25.84 -8.34
N LEU A 455 19.34 24.85 -9.00
CA LEU A 455 18.54 23.97 -9.84
C LEU A 455 17.52 23.31 -8.92
N ILE A 456 17.96 22.80 -7.78
CA ILE A 456 17.08 22.02 -6.91
C ILE A 456 16.05 22.95 -6.32
N LEU A 457 16.47 24.17 -6.02
CA LEU A 457 15.56 25.07 -5.33
C LEU A 457 14.55 25.54 -6.33
N GLN A 458 14.97 25.68 -7.58
CA GLN A 458 14.08 26.07 -8.65
C GLN A 458 13.05 24.96 -8.77
N MET A 459 13.52 23.72 -8.69
CA MET A 459 12.65 22.56 -8.83
C MET A 459 11.62 22.56 -7.69
N ILE A 460 12.04 22.89 -6.48
CA ILE A 460 11.14 22.85 -5.31
C ILE A 460 10.08 23.93 -5.47
N THR A 461 10.50 25.08 -5.97
CA THR A 461 9.62 26.24 -6.15
C THR A 461 8.55 25.85 -7.17
N LEU A 462 8.96 25.13 -8.22
CA LEU A 462 8.07 24.78 -9.32
C LEU A 462 7.02 23.82 -8.79
N MET A 463 7.44 22.86 -7.98
CA MET A 463 6.56 21.83 -7.50
C MET A 463 5.62 22.46 -6.53
N ASP A 464 6.09 23.48 -5.82
CA ASP A 464 5.31 24.07 -4.76
C ASP A 464 4.17 24.76 -5.46
N LYS A 465 4.47 25.32 -6.63
CA LYS A 465 3.50 26.15 -7.34
C LYS A 465 2.42 25.25 -7.92
N LEU A 466 2.81 24.05 -8.34
CA LEU A 466 1.92 23.14 -9.02
C LEU A 466 0.96 22.56 -7.98
N LEU A 467 1.47 22.29 -6.79
CA LEU A 467 0.68 21.67 -5.74
C LEU A 467 -0.25 22.73 -5.26
N ARG A 468 0.24 23.96 -5.22
CA ARG A 468 -0.55 25.07 -4.70
C ARG A 468 -1.72 25.35 -5.65
N ARG A 469 -1.49 25.14 -6.95
CA ARG A 469 -2.49 25.35 -8.00
C ARG A 469 -3.64 24.38 -7.76
N GLU A 470 -3.32 23.17 -7.29
CA GLU A 470 -4.31 22.11 -7.11
C GLU A 470 -4.84 22.24 -5.71
N ASN A 471 -4.49 23.33 -5.03
CA ASN A 471 -5.02 23.55 -3.72
C ASN A 471 -4.42 22.63 -2.65
N LEU A 472 -3.19 22.18 -2.91
CA LEU A 472 -2.37 21.45 -1.94
C LEU A 472 -1.21 22.33 -1.47
N ASP A 473 -1.22 22.65 -0.18
CA ASP A 473 -0.24 23.52 0.43
C ASP A 473 0.48 22.67 1.45
N LEU A 474 1.68 22.24 1.07
CA LEU A 474 2.45 21.41 1.97
C LEU A 474 3.40 22.22 2.83
N LYS A 475 3.19 23.54 2.83
CA LYS A 475 3.92 24.50 3.65
C LYS A 475 5.41 24.33 3.40
N LEU A 476 5.76 24.19 2.13
CA LEU A 476 7.13 24.05 1.81
C LEU A 476 7.82 25.39 1.97
N THR A 477 9.12 25.40 2.20
CA THR A 477 9.91 26.64 2.13
C THR A 477 10.93 26.59 0.98
N PRO A 478 10.59 27.17 -0.18
CA PRO A 478 11.49 27.23 -1.35
C PRO A 478 12.34 28.49 -1.31
N TYR A 479 13.39 28.48 -0.52
CA TYR A 479 14.16 29.70 -0.31
C TYR A 479 14.93 30.16 -1.56
N LYS A 480 15.51 31.35 -1.54
CA LYS A 480 16.13 31.85 -2.75
C LYS A 480 17.62 31.57 -2.77
N VAL A 481 18.16 31.08 -3.88
CA VAL A 481 19.61 31.06 -4.01
C VAL A 481 20.00 31.83 -5.25
N LEU A 482 21.11 32.56 -5.26
CA LEU A 482 21.75 32.78 -6.58
C LEU A 482 23.19 32.36 -6.49
N ALA A 483 23.84 31.90 -7.53
CA ALA A 483 25.26 32.08 -7.39
C ALA A 483 25.63 33.32 -8.14
N THR A 484 26.51 34.00 -7.44
CA THR A 484 27.41 34.95 -8.02
C THR A 484 28.33 34.26 -8.96
N SER A 485 29.61 34.14 -8.57
CA SER A 485 30.49 33.26 -9.30
C SER A 485 30.32 31.78 -8.86
N SER A 486 30.93 30.85 -9.57
CA SER A 486 31.20 29.54 -8.96
C SER A 486 32.06 29.88 -7.81
N LYS A 487 31.84 29.26 -6.65
CA LYS A 487 32.60 29.61 -5.44
C LYS A 487 32.10 30.80 -4.60
N HIS A 488 31.30 31.72 -5.14
CA HIS A 488 30.46 32.39 -4.17
C HIS A 488 28.97 32.45 -4.53
N GLY A 489 28.11 32.49 -3.52
CA GLY A 489 26.78 32.99 -3.79
C GLY A 489 26.02 33.59 -2.65
N PHE A 490 24.77 33.97 -2.89
CA PHE A 490 23.93 34.14 -1.73
C PHE A 490 22.95 33.01 -1.53
N LEU A 491 22.38 32.95 -0.35
CA LEU A 491 21.18 32.18 -0.11
C LEU A 491 20.30 32.96 0.83
N GLN A 492 19.00 32.86 0.64
CA GLN A 492 18.05 33.47 1.55
C GLN A 492 18.20 32.86 2.93
N TYR A 493 18.04 33.66 3.97
CA TYR A 493 18.05 33.10 5.31
C TYR A 493 16.65 32.98 5.84
N VAL A 494 16.26 31.77 6.22
CA VAL A 494 14.94 31.57 6.83
C VAL A 494 15.16 31.20 8.28
N ASP A 495 14.42 31.83 9.18
CA ASP A 495 14.58 31.52 10.58
C ASP A 495 14.24 30.09 10.85
N SER A 496 15.24 29.33 11.26
CA SER A 496 15.08 27.94 11.36
C SER A 496 16.10 27.46 12.33
N CYS A 497 15.89 26.27 12.81
CA CYS A 497 16.80 25.59 13.67
C CYS A 497 17.01 24.22 13.02
N THR A 498 18.26 23.77 12.90
CA THR A 498 18.47 22.41 12.41
C THR A 498 17.87 21.38 13.37
N VAL A 499 17.52 20.20 12.86
CA VAL A 499 16.92 19.16 13.70
C VAL A 499 17.86 18.74 14.81
N ALA A 500 19.15 18.64 14.51
CA ALA A 500 20.12 18.13 15.48
C ALA A 500 20.21 19.16 16.59
N GLU A 501 20.08 20.44 16.24
CA GLU A 501 20.19 21.50 17.24
C GLU A 501 18.98 21.34 18.14
N VAL A 502 17.83 21.10 17.53
CA VAL A 502 16.56 21.04 18.23
C VAL A 502 16.62 19.86 19.17
N LEU A 503 17.23 18.77 18.72
CA LEU A 503 17.26 17.54 19.49
C LEU A 503 18.18 17.77 20.66
N ALA A 504 19.21 18.58 20.49
CA ALA A 504 20.24 18.69 21.52
C ALA A 504 19.75 19.68 22.53
N ARG A 505 19.04 20.72 22.08
CA ARG A 505 18.65 21.82 22.99
C ARG A 505 17.34 21.46 23.69
N GLU A 506 16.39 20.93 22.94
CA GLU A 506 15.20 20.35 23.53
C GLU A 506 15.28 18.85 23.32
N GLY A 507 14.63 18.06 24.15
CA GLY A 507 14.80 16.61 24.06
C GLY A 507 14.41 16.04 22.71
N ASN A 508 13.32 16.56 22.15
CA ASN A 508 12.69 16.01 20.98
C ASN A 508 11.83 17.07 20.31
N ILE A 509 11.48 16.86 19.04
CA ILE A 509 10.74 17.83 18.24
C ILE A 509 9.45 18.34 18.91
N HIS A 510 8.71 17.46 19.57
CA HIS A 510 7.42 17.81 20.20
C HIS A 510 7.66 18.86 21.28
N ASN A 511 8.76 18.70 22.00
CA ASN A 511 9.10 19.55 23.13
C ASN A 511 9.36 20.92 22.58
N PHE A 512 9.99 20.94 21.42
CA PHE A 512 10.42 22.15 20.76
C PHE A 512 9.19 22.89 20.28
N PHE A 513 8.23 22.17 19.71
CA PHE A 513 7.01 22.79 19.16
C PHE A 513 6.21 23.37 20.29
N ARG A 514 6.18 22.60 21.37
CA ARG A 514 5.31 22.80 22.52
C ARG A 514 5.79 24.06 23.22
N LYS A 515 7.10 24.26 23.26
CA LYS A 515 7.67 25.44 23.88
C LYS A 515 7.21 26.69 23.11
N HIS A 516 7.14 26.62 21.79
CA HIS A 516 6.80 27.79 20.97
C HIS A 516 5.31 27.98 20.83
N HIS A 517 4.55 26.89 20.84
CA HIS A 517 3.10 26.94 20.58
C HIS A 517 2.37 25.95 21.46
N PRO A 518 2.39 26.15 22.80
CA PRO A 518 1.70 25.16 23.62
C PRO A 518 0.20 25.31 23.50
N CYS A 519 -0.50 24.20 23.40
CA CYS A 519 -1.97 24.17 23.50
C CYS A 519 -2.35 23.00 24.37
N ASP A 520 -2.83 23.30 25.57
CA ASP A 520 -3.13 22.26 26.52
C ASP A 520 -3.98 21.13 25.98
N ASN A 521 -4.90 21.47 25.08
CA ASN A 521 -5.91 20.51 24.70
C ASN A 521 -5.48 19.37 23.83
N GLY A 522 -4.66 19.66 22.83
CA GLY A 522 -3.98 18.62 22.08
C GLY A 522 -3.45 19.28 20.85
N PRO A 523 -3.05 18.52 19.83
CA PRO A 523 -2.83 17.09 19.84
C PRO A 523 -1.88 16.66 20.94
N TYR A 524 -0.72 17.28 21.01
CA TYR A 524 0.22 16.83 22.01
C TYR A 524 0.55 17.92 22.96
N GLY A 525 -0.43 18.73 23.27
CA GLY A 525 -0.17 19.93 24.02
C GLY A 525 0.49 20.91 23.09
N ILE A 526 0.42 20.64 21.79
CA ILE A 526 0.91 21.55 20.74
C ILE A 526 -0.27 22.03 19.91
N SER A 527 -0.32 23.33 19.61
CA SER A 527 -1.34 23.84 18.71
C SER A 527 -1.36 23.09 17.42
N ALA A 528 -2.56 22.75 16.98
CA ALA A 528 -2.79 21.85 15.85
C ALA A 528 -2.12 22.25 14.56
N GLU A 529 -2.17 23.52 14.20
CA GLU A 529 -1.72 23.91 12.88
C GLU A 529 -0.26 23.51 12.80
N VAL A 530 0.46 23.65 13.90
CA VAL A 530 1.88 23.45 13.91
C VAL A 530 2.09 21.99 13.62
N MET A 531 1.26 21.12 14.20
CA MET A 531 1.39 19.67 13.99
C MET A 531 1.00 19.41 12.56
N ASP A 532 0.02 20.14 12.08
CA ASP A 532 -0.57 19.84 10.81
C ASP A 532 0.46 20.25 9.79
N THR A 533 1.18 21.33 10.08
CA THR A 533 2.11 21.83 9.08
C THR A 533 3.35 20.99 9.14
N TYR A 534 3.71 20.46 10.30
CA TYR A 534 4.93 19.69 10.36
C TYR A 534 4.68 18.46 9.46
N ILE A 535 3.45 17.98 9.50
CA ILE A 535 3.06 16.75 8.82
C ILE A 535 3.11 16.99 7.32
N LYS A 536 2.71 18.18 6.90
CA LYS A 536 2.53 18.44 5.50
C LYS A 536 3.90 18.68 4.92
N SER A 537 4.77 19.35 5.69
CA SER A 537 6.12 19.71 5.27
C SER A 537 6.84 18.43 5.07
N CYS A 538 6.54 17.46 5.92
CA CYS A 538 7.29 16.24 5.92
C CYS A 538 6.96 15.46 4.67
N ALA A 539 5.72 15.57 4.23
CA ALA A 539 5.22 14.71 3.20
C ALA A 539 5.71 15.34 1.92
N GLY A 540 5.74 16.66 1.87
CA GLY A 540 6.08 17.36 0.65
C GLY A 540 7.56 17.11 0.48
N TYR A 541 8.31 17.17 1.56
CA TYR A 541 9.75 17.02 1.42
C TYR A 541 10.11 15.58 1.12
N CYS A 542 9.34 14.64 1.66
CA CYS A 542 9.67 13.25 1.53
C CYS A 542 9.49 12.87 0.10
N VAL A 543 8.44 13.37 -0.53
CA VAL A 543 8.13 12.99 -1.89
C VAL A 543 9.12 13.72 -2.83
N ILE A 544 9.46 14.94 -2.51
CA ILE A 544 10.21 15.78 -3.43
C ILE A 544 11.67 15.38 -3.42
N THR A 545 12.13 14.86 -2.29
CA THR A 545 13.52 14.50 -2.07
C THR A 545 13.68 13.20 -2.84
N TYR A 546 12.60 12.41 -2.87
CA TYR A 546 12.64 11.06 -3.45
C TYR A 546 12.69 11.19 -4.98
N LEU A 547 11.99 12.18 -5.50
CA LEU A 547 11.79 12.34 -6.92
C LEU A 547 13.06 12.89 -7.56
N LEU A 548 13.81 13.66 -6.79
CA LEU A 548 14.95 14.43 -7.28
C LEU A 548 16.18 13.68 -6.86
N GLY A 549 15.98 12.64 -6.08
CA GLY A 549 17.05 11.71 -5.74
C GLY A 549 18.08 12.27 -4.76
N VAL A 550 17.64 13.22 -3.93
CA VAL A 550 18.55 13.93 -3.02
C VAL A 550 19.19 12.94 -2.05
N GLY A 551 20.52 12.96 -1.99
CA GLY A 551 21.27 12.04 -1.14
C GLY A 551 21.95 12.84 -0.06
N ASP A 552 22.71 12.15 0.79
CA ASP A 552 23.55 12.83 1.77
C ASP A 552 22.69 13.57 2.84
N ARG A 553 21.49 13.08 3.13
CA ARG A 553 20.66 13.66 4.19
C ARG A 553 21.17 13.32 5.61
N HIS A 554 21.08 14.29 6.51
CA HIS A 554 21.31 14.06 7.94
C HIS A 554 20.71 15.16 8.79
N LEU A 555 20.87 15.04 10.10
CA LEU A 555 20.21 15.93 11.06
C LEU A 555 20.59 17.41 10.98
N ASP A 556 21.76 17.67 10.37
CA ASP A 556 22.34 18.99 10.05
C ASP A 556 21.62 19.49 8.81
N ASN A 557 21.01 18.58 8.04
CA ASN A 557 20.57 18.84 6.67
C ASN A 557 19.11 19.18 6.61
N LEU A 558 18.36 18.71 7.61
CA LEU A 558 16.95 19.02 7.64
C LEU A 558 16.86 20.18 8.60
N LEU A 559 16.02 21.17 8.39
CA LEU A 559 15.76 22.01 9.56
C LEU A 559 14.31 22.09 9.99
N LEU A 560 14.08 22.69 11.16
CA LEU A 560 12.73 23.03 11.52
C LEU A 560 12.45 24.53 11.72
N THR A 561 11.18 24.91 11.74
CA THR A 561 10.87 26.24 12.25
C THR A 561 9.87 26.24 13.39
N THR A 562 9.60 27.44 13.91
CA THR A 562 8.77 27.57 15.07
C THR A 562 7.34 27.31 14.66
N ASN A 563 7.00 27.65 13.42
CA ASN A 563 5.68 27.37 12.87
C ASN A 563 5.39 25.89 12.62
N GLY A 564 6.44 25.07 12.75
CA GLY A 564 6.28 23.76 12.24
C GLY A 564 7.02 23.30 11.01
N LYS A 565 7.67 24.15 10.21
CA LYS A 565 7.78 23.67 8.83
C LYS A 565 8.96 22.72 8.97
N LEU A 566 9.09 21.69 8.16
CA LEU A 566 10.41 21.16 8.02
C LEU A 566 10.89 21.58 6.65
N PHE A 567 12.19 21.75 6.46
CA PHE A 567 12.64 21.72 5.08
C PHE A 567 14.01 21.11 4.89
N HIS A 568 14.43 20.98 3.63
CA HIS A 568 15.79 20.58 3.42
C HIS A 568 16.71 21.69 3.02
N ILE A 569 17.99 21.34 2.93
CA ILE A 569 19.02 22.28 2.56
C ILE A 569 20.28 21.56 2.04
N ASP A 570 21.23 22.31 1.50
CA ASP A 570 22.55 21.76 1.16
C ASP A 570 22.43 20.59 0.19
N PHE A 571 22.06 20.89 -1.05
CA PHE A 571 21.82 19.85 -2.03
C PHE A 571 23.03 19.52 -2.85
N GLY A 572 24.05 18.99 -2.18
CA GLY A 572 25.28 18.58 -2.83
C GLY A 572 25.22 17.21 -3.46
N TYR A 573 24.32 16.36 -2.96
CA TYR A 573 24.11 15.04 -3.56
C TYR A 573 22.70 14.92 -4.07
N ILE A 574 22.60 14.56 -5.35
CA ILE A 574 21.40 14.66 -6.16
C ILE A 574 21.32 13.42 -7.07
N LEU A 575 20.11 13.06 -7.49
CA LEU A 575 19.91 11.99 -8.46
C LEU A 575 20.59 10.68 -8.06
N GLY A 576 20.40 10.29 -6.80
CA GLY A 576 20.80 8.97 -6.34
C GLY A 576 22.28 8.80 -6.00
N ARG A 577 23.03 9.88 -5.99
CA ARG A 577 24.40 9.82 -5.55
C ARG A 577 24.41 9.92 -4.04
N ASP A 578 25.20 9.10 -3.36
CA ASP A 578 25.28 9.21 -1.90
C ASP A 578 26.70 8.91 -1.43
N PRO A 579 27.15 9.55 -0.35
CA PRO A 579 28.48 9.20 0.14
C PRO A 579 28.47 7.80 0.73
N LYS A 580 27.30 7.36 1.19
CA LYS A 580 27.11 6.01 1.70
C LYS A 580 26.61 5.03 0.62
N PRO A 581 26.98 3.74 0.76
CA PRO A 581 26.60 2.66 -0.16
C PRO A 581 25.08 2.41 -0.30
N MET A 582 24.29 2.79 0.70
CA MET A 582 22.84 2.60 0.65
C MET A 582 21.90 3.74 0.19
N PRO A 583 20.61 3.39 0.05
CA PRO A 583 19.48 4.26 0.28
C PRO A 583 19.44 4.34 1.81
N PRO A 584 18.26 4.49 2.45
CA PRO A 584 16.83 4.25 2.24
C PRO A 584 16.21 5.05 1.11
N PRO A 585 15.16 4.52 0.48
CA PRO A 585 14.44 5.17 -0.60
C PRO A 585 13.88 6.51 -0.12
N MET A 586 13.35 6.48 1.08
CA MET A 586 12.69 7.61 1.65
C MET A 586 13.56 8.00 2.82
N LYS A 587 13.67 9.30 3.08
CA LYS A 587 14.63 9.80 4.07
C LYS A 587 13.94 10.33 5.33
N LEU A 588 13.79 9.50 6.37
CA LEU A 588 13.09 9.92 7.58
C LEU A 588 13.87 9.51 8.80
N SER A 589 14.16 10.49 9.63
CA SER A 589 14.81 10.23 10.88
C SER A 589 13.86 9.53 11.86
N LYS A 590 14.40 8.66 12.70
CA LYS A 590 13.60 8.08 13.78
C LYS A 590 12.87 9.20 14.50
N GLU A 591 13.54 10.34 14.62
CA GLU A 591 13.09 11.47 15.40
C GLU A 591 11.90 12.11 14.73
N MET A 592 11.85 12.05 13.41
CA MET A 592 10.81 12.71 12.64
C MET A 592 9.56 11.84 12.75
N VAL A 593 9.73 10.53 12.88
CA VAL A 593 8.60 9.60 12.88
C VAL A 593 7.97 9.70 14.26
N GLU A 594 8.81 9.87 15.26
CA GLU A 594 8.41 9.90 16.66
C GLU A 594 7.70 11.20 16.86
N ALA A 595 8.12 12.20 16.10
CA ALA A 595 7.61 13.56 16.13
C ALA A 595 6.15 13.51 15.66
N MET A 596 5.82 12.53 14.83
CA MET A 596 4.49 12.37 14.22
C MET A 596 3.54 11.57 15.15
N GLY A 597 4.01 11.17 16.33
CA GLY A 597 3.21 10.34 17.21
C GLY A 597 3.43 8.85 16.99
N GLY A 598 4.39 8.52 16.15
CA GLY A 598 4.75 7.13 15.96
C GLY A 598 3.83 6.42 14.98
N ILE A 599 4.08 5.13 14.79
CA ILE A 599 3.51 4.34 13.69
C ILE A 599 2.01 4.46 13.47
N SER A 600 1.22 4.35 14.52
CA SER A 600 -0.21 4.54 14.40
C SER A 600 -0.59 5.82 15.10
N SER A 601 -0.97 6.82 14.32
CA SER A 601 -1.47 8.07 14.87
C SER A 601 -2.29 8.75 13.83
N GLU A 602 -3.39 9.35 14.28
CA GLU A 602 -4.18 10.20 13.42
C GLU A 602 -3.17 10.88 12.49
N HIS A 603 -2.00 11.25 13.01
CA HIS A 603 -1.05 12.13 12.31
C HIS A 603 -0.12 11.41 11.37
N HIS A 604 0.35 10.22 11.73
CA HIS A 604 1.28 9.50 10.89
C HIS A 604 0.52 9.10 9.64
N HIS A 605 -0.75 8.75 9.85
CA HIS A 605 -1.62 8.24 8.80
C HIS A 605 -1.88 9.41 7.86
N GLU A 606 -2.03 10.58 8.47
CA GLU A 606 -2.30 11.81 7.78
C GLU A 606 -1.08 12.13 6.90
N PHE A 607 0.10 11.72 7.34
CA PHE A 607 1.34 12.06 6.71
C PHE A 607 1.43 11.20 5.46
N ARG A 608 1.00 9.95 5.56
CA ARG A 608 1.16 9.02 4.42
C ARG A 608 0.15 9.40 3.35
N LYS A 609 -1.02 9.82 3.80
CA LYS A 609 -2.11 10.19 2.93
C LYS A 609 -1.60 11.35 2.08
N GLN A 610 -0.90 12.28 2.70
CA GLN A 610 -0.43 13.48 2.03
C GLN A 610 0.65 13.13 1.02
N CYS A 611 1.52 12.16 1.33
CA CYS A 611 2.62 11.82 0.44
C CYS A 611 2.02 11.32 -0.86
N TYR A 612 0.98 10.51 -0.75
CA TYR A 612 0.46 9.75 -1.88
C TYR A 612 -0.24 10.70 -2.80
N THR A 613 -0.91 11.71 -2.24
CA THR A 613 -1.72 12.54 -3.09
C THR A 613 -0.72 13.49 -3.73
N ALA A 614 0.36 13.80 -3.02
CA ALA A 614 1.35 14.78 -3.48
C ALA A 614 1.99 14.11 -4.66
N TYR A 615 2.17 12.80 -4.55
CA TYR A 615 2.93 12.04 -5.50
C TYR A 615 2.10 11.97 -6.75
N LEU A 616 0.80 11.83 -6.58
CA LEU A 616 -0.07 11.61 -7.71
C LEU A 616 -0.13 12.87 -8.56
N HIS A 617 -0.11 14.03 -7.90
CA HIS A 617 -0.22 15.31 -8.60
C HIS A 617 1.06 15.58 -9.32
N LEU A 618 2.16 15.16 -8.72
CA LEU A 618 3.44 15.55 -9.26
C LEU A 618 3.57 14.73 -10.51
N ARG A 619 3.07 13.49 -10.47
CA ARG A 619 3.22 12.56 -11.59
C ARG A 619 2.48 13.15 -12.77
N ARG A 620 1.37 13.82 -12.50
CA ARG A 620 0.51 14.38 -13.54
C ARG A 620 1.26 15.50 -14.25
N HIS A 621 2.20 16.16 -13.57
CA HIS A 621 2.82 17.34 -14.14
C HIS A 621 4.21 16.96 -14.55
N ALA A 622 4.38 15.70 -14.93
CA ALA A 622 5.68 15.17 -15.31
C ALA A 622 6.28 15.86 -16.53
N ASN A 623 5.43 16.32 -17.44
CA ASN A 623 5.93 16.91 -18.67
C ASN A 623 6.87 18.10 -18.45
N VAL A 624 6.57 18.94 -17.46
CA VAL A 624 7.28 20.22 -17.26
C VAL A 624 8.59 19.93 -16.57
N MET A 625 8.59 18.97 -15.66
CA MET A 625 9.74 18.72 -14.83
C MET A 625 10.74 18.08 -15.75
N LEU A 626 10.23 17.26 -16.65
CA LEU A 626 11.07 16.45 -17.52
C LEU A 626 11.69 17.32 -18.59
N ASN A 627 10.92 18.31 -19.05
CA ASN A 627 11.36 19.16 -20.15
C ASN A 627 12.45 20.04 -19.62
N LEU A 628 12.31 20.43 -18.35
CA LEU A 628 13.24 21.35 -17.71
C LEU A 628 14.50 20.55 -17.44
N PHE A 629 14.37 19.28 -17.09
CA PHE A 629 15.56 18.47 -16.83
C PHE A 629 16.32 18.26 -18.13
N SER A 630 15.57 18.17 -19.22
CA SER A 630 16.11 17.96 -20.54
C SER A 630 16.98 19.13 -20.97
N LEU A 631 16.70 20.33 -20.46
CA LEU A 631 17.39 21.49 -20.96
C LEU A 631 18.68 21.67 -20.16
N MET A 632 18.78 20.94 -19.05
CA MET A 632 19.94 21.04 -18.16
C MET A 632 20.94 19.91 -18.38
N VAL A 633 21.03 19.42 -19.61
CA VAL A 633 21.87 18.24 -19.86
C VAL A 633 23.33 18.62 -20.01
N ASP A 634 23.57 19.84 -20.44
CA ASP A 634 24.93 20.32 -20.62
C ASP A 634 25.18 21.40 -19.58
N ALA A 635 24.61 21.18 -18.39
CA ALA A 635 24.37 22.26 -17.43
C ALA A 635 25.52 22.61 -16.51
N THR A 636 26.51 21.74 -16.36
CA THR A 636 27.61 22.05 -15.44
C THR A 636 27.05 22.18 -14.00
N VAL A 637 26.25 21.18 -13.68
CA VAL A 637 25.82 20.87 -12.36
C VAL A 637 26.45 19.50 -12.13
N PRO A 638 27.37 19.38 -11.14
CA PRO A 638 28.23 18.21 -10.98
C PRO A 638 27.55 16.86 -11.11
N ASP A 639 26.52 16.62 -10.31
CA ASP A 639 25.84 15.31 -10.29
C ASP A 639 25.26 14.95 -11.65
N ILE A 640 24.88 15.96 -12.43
CA ILE A 640 24.22 15.77 -13.73
C ILE A 640 25.31 15.43 -14.75
N ALA A 641 26.53 15.92 -14.49
CA ALA A 641 27.60 15.91 -15.47
C ALA A 641 28.40 14.61 -15.41
N LEU A 642 27.98 13.68 -14.55
CA LEU A 642 28.65 12.38 -14.39
C LEU A 642 28.18 11.36 -15.41
N GLU A 643 26.87 11.29 -15.63
CA GLU A 643 26.36 10.81 -16.89
C GLU A 643 25.23 11.75 -17.26
N PRO A 644 25.53 12.75 -18.10
CA PRO A 644 24.53 13.69 -18.59
C PRO A 644 23.33 12.95 -19.19
N ASP A 645 23.61 11.97 -20.05
CA ASP A 645 22.55 11.19 -20.72
C ASP A 645 21.63 10.41 -19.81
N LYS A 646 22.06 10.15 -18.57
CA LYS A 646 21.24 9.35 -17.65
C LYS A 646 20.33 10.19 -16.77
N ALA A 647 20.74 11.42 -16.46
CA ALA A 647 20.04 12.32 -15.52
C ALA A 647 18.51 12.40 -15.63
N VAL A 648 17.98 12.54 -16.84
CA VAL A 648 16.55 12.79 -17.04
C VAL A 648 15.84 11.48 -16.79
N LYS A 649 16.51 10.40 -17.18
CA LYS A 649 15.98 9.04 -17.11
C LYS A 649 15.71 8.72 -15.65
N LYS A 650 16.55 9.25 -14.77
CA LYS A 650 16.55 8.91 -13.33
C LYS A 650 15.37 9.59 -12.68
N VAL A 651 15.11 10.83 -13.07
CA VAL A 651 14.03 11.61 -12.51
C VAL A 651 12.76 10.92 -12.97
N GLU A 652 12.80 10.39 -14.18
CA GLU A 652 11.64 9.87 -14.88
C GLU A 652 11.33 8.51 -14.25
N GLU A 653 12.40 7.82 -13.85
CA GLU A 653 12.34 6.48 -13.31
C GLU A 653 11.60 6.60 -12.00
N ASN A 654 11.82 7.70 -11.28
CA ASN A 654 11.23 7.89 -9.95
C ASN A 654 9.76 8.22 -10.07
N LEU A 655 9.39 8.77 -11.23
CA LEU A 655 8.06 9.29 -11.42
C LEU A 655 7.11 8.12 -11.59
N GLN A 656 7.64 6.98 -12.00
CA GLN A 656 6.89 5.73 -12.10
C GLN A 656 5.70 5.78 -13.08
N LEU A 657 5.94 6.42 -14.22
CA LEU A 657 4.87 6.75 -15.18
C LEU A 657 4.15 5.56 -15.82
N GLY A 658 4.82 4.42 -15.92
CA GLY A 658 4.18 3.23 -16.45
C GLY A 658 2.97 2.89 -15.61
N LEU A 659 3.17 2.87 -14.30
CA LEU A 659 2.18 2.35 -13.36
C LEU A 659 0.88 3.13 -13.31
N THR A 660 -0.17 2.41 -12.97
CA THR A 660 -1.46 3.01 -12.69
C THR A 660 -1.41 3.73 -11.35
N ASP A 661 -2.21 4.77 -11.17
CA ASP A 661 -2.34 5.46 -9.88
C ASP A 661 -2.43 4.57 -8.67
N GLU A 662 -3.25 3.53 -8.76
CA GLU A 662 -3.51 2.63 -7.65
C GLU A 662 -2.18 1.93 -7.43
N GLU A 663 -1.50 1.60 -8.52
CA GLU A 663 -0.22 0.87 -8.49
C GLU A 663 0.94 1.75 -7.96
N ALA A 664 0.88 3.05 -8.24
CA ALA A 664 1.98 3.99 -7.97
C ALA A 664 1.99 4.25 -6.48
N VAL A 665 0.81 4.32 -5.90
CA VAL A 665 0.67 4.63 -4.49
C VAL A 665 1.25 3.47 -3.74
N GLN A 666 1.01 2.24 -4.22
CA GLN A 666 1.47 1.03 -3.54
C GLN A 666 2.99 1.08 -3.55
N HIS A 667 3.54 1.61 -4.63
CA HIS A 667 4.97 1.66 -4.85
C HIS A 667 5.60 2.60 -3.84
N LEU A 668 4.97 3.75 -3.64
CA LEU A 668 5.54 4.76 -2.75
C LEU A 668 5.43 4.17 -1.36
N GLN A 669 4.31 3.52 -1.09
CA GLN A 669 4.05 2.99 0.22
C GLN A 669 5.14 1.97 0.51
N SER A 670 5.50 1.20 -0.50
CA SER A 670 6.44 0.12 -0.29
C SER A 670 7.74 0.74 0.17
N LEU A 671 8.13 1.85 -0.45
CA LEU A 671 9.43 2.51 -0.21
C LEU A 671 9.37 3.16 1.15
N LEU A 672 8.21 3.71 1.47
CA LEU A 672 8.00 4.42 2.72
C LEU A 672 8.14 3.43 3.85
N ASP A 673 7.63 2.22 3.65
CA ASP A 673 7.56 1.24 4.73
C ASP A 673 8.93 0.70 5.04
N VAL A 674 9.79 0.46 4.04
CA VAL A 674 11.07 -0.17 4.34
C VAL A 674 11.83 0.84 5.16
N SER A 675 11.64 2.10 4.80
CA SER A 675 12.48 3.17 5.32
C SER A 675 12.09 3.37 6.77
N ILE A 676 10.79 3.37 7.05
CA ILE A 676 10.32 3.62 8.40
C ILE A 676 10.67 2.43 9.30
N THR A 677 10.67 1.23 8.73
CA THR A 677 10.89 0.03 9.53
C THR A 677 12.36 0.01 9.96
N ALA A 678 13.26 0.53 9.13
CA ALA A 678 14.67 0.33 9.40
C ALA A 678 15.07 1.37 10.43
N VAL A 679 14.35 2.47 10.43
CA VAL A 679 14.60 3.59 11.30
C VAL A 679 14.06 3.40 12.74
N MET A 680 13.01 2.61 12.89
CA MET A 680 12.40 2.38 14.19
C MET A 680 12.86 1.03 14.73
N PRO A 681 13.39 1.04 15.96
CA PRO A 681 14.06 -0.11 16.55
C PRO A 681 13.09 -1.21 17.02
N ALA A 682 11.83 -0.86 17.30
CA ALA A 682 10.77 -1.83 17.64
C ALA A 682 10.33 -2.64 16.42
N LEU A 683 10.38 -2.00 15.26
CA LEU A 683 9.92 -2.58 14.00
C LEU A 683 11.01 -3.56 13.57
N VAL A 684 12.26 -3.20 13.84
CA VAL A 684 13.39 -4.07 13.51
C VAL A 684 13.33 -5.28 14.45
N GLU A 685 12.87 -5.06 15.70
CA GLU A 685 12.77 -6.13 16.70
C GLU A 685 11.67 -7.09 16.25
N GLN A 686 10.63 -6.54 15.64
CA GLN A 686 9.45 -7.29 15.27
C GLN A 686 9.85 -8.25 14.17
N ILE A 687 10.70 -7.77 13.27
CA ILE A 687 11.14 -8.54 12.15
C ILE A 687 12.07 -9.61 12.70
N HIS A 688 12.87 -9.27 13.71
CA HIS A 688 13.81 -10.21 14.30
C HIS A 688 12.96 -11.34 14.86
N ARG A 689 11.81 -11.00 15.43
CA ARG A 689 10.95 -11.98 16.09
C ARG A 689 10.29 -12.85 15.06
N PHE A 690 9.94 -12.29 13.91
CA PHE A 690 9.18 -13.03 12.92
C PHE A 690 10.12 -14.08 12.35
N THR A 691 11.38 -13.73 12.15
CA THR A 691 12.31 -14.67 11.53
C THR A 691 12.32 -15.84 12.51
N GLN A 692 12.17 -15.50 13.79
CA GLN A 692 12.42 -16.39 14.90
C GLN A 692 11.30 -17.39 14.95
N TYR A 693 10.14 -16.96 14.45
CA TYR A 693 8.92 -17.77 14.41
C TYR A 693 9.09 -19.07 13.65
N TRP A 694 9.42 -18.97 12.36
CA TRP A 694 9.63 -20.14 11.53
C TRP A 694 10.80 -20.98 12.00
N ARG A 695 11.67 -20.38 12.80
CA ARG A 695 12.87 -21.04 13.31
C ARG A 695 13.54 -21.85 12.20
N ALA B 38 -33.56 11.67 -1.93
CA ALA B 38 -33.99 11.84 -3.35
C ALA B 38 -32.94 11.35 -4.35
N SER B 39 -31.77 12.00 -4.36
CA SER B 39 -30.71 11.70 -5.34
C SER B 39 -29.34 11.40 -4.70
N ILE B 40 -28.81 12.38 -3.97
CA ILE B 40 -27.56 12.20 -3.20
C ILE B 40 -27.91 11.41 -1.93
N ARG B 41 -29.10 11.68 -1.41
CA ARG B 41 -29.70 10.97 -0.28
C ARG B 41 -30.03 9.53 -0.68
N ASP B 42 -30.22 9.34 -1.99
CA ASP B 42 -30.37 8.02 -2.62
C ASP B 42 -29.04 7.24 -2.51
N GLN B 43 -27.92 7.92 -2.74
CA GLN B 43 -26.58 7.32 -2.60
C GLN B 43 -26.29 6.90 -1.14
N LEU B 44 -26.72 7.73 -0.19
CA LEU B 44 -26.57 7.43 1.24
C LEU B 44 -27.39 6.20 1.60
N HIS B 45 -28.51 6.01 0.91
CA HIS B 45 -29.32 4.82 1.08
C HIS B 45 -28.59 3.58 0.59
N THR B 46 -28.11 3.61 -0.65
CA THR B 46 -27.35 2.47 -1.21
C THR B 46 -26.16 2.14 -0.30
N ILE B 47 -25.69 3.15 0.44
CA ILE B 47 -24.57 3.02 1.39
C ILE B 47 -24.92 2.10 2.58
N VAL B 48 -26.16 2.18 3.03
CA VAL B 48 -26.54 1.46 4.25
C VAL B 48 -26.75 -0.01 3.98
N TYR B 49 -27.32 -0.33 2.81
CA TYR B 49 -27.68 -1.69 2.46
C TYR B 49 -26.43 -2.51 2.20
N ARG B 50 -25.62 -2.05 1.25
CA ARG B 50 -24.51 -2.83 0.73
C ARG B 50 -23.30 -3.00 1.66
N TYR B 51 -23.15 -2.13 2.66
CA TYR B 51 -21.88 -2.06 3.40
C TYR B 51 -21.73 -2.83 4.73
N PRO B 52 -22.64 -2.66 5.70
CA PRO B 52 -22.31 -3.39 6.93
C PRO B 52 -23.31 -4.45 7.40
N PRO B 53 -22.83 -5.47 8.14
CA PRO B 53 -23.67 -6.53 8.70
C PRO B 53 -23.83 -6.49 10.21
N THR B 54 -22.98 -5.71 10.89
CA THR B 54 -22.98 -5.68 12.36
C THR B 54 -22.95 -4.27 12.95
N TYR B 55 -23.17 -3.26 12.11
CA TYR B 55 -23.18 -1.88 12.56
C TYR B 55 -24.37 -1.57 13.46
N VAL B 56 -24.11 -0.73 14.46
CA VAL B 56 -25.12 -0.19 15.36
C VAL B 56 -25.73 1.02 14.66
N LEU B 57 -25.16 1.34 13.50
CA LEU B 57 -25.42 2.56 12.75
C LEU B 57 -26.88 2.91 12.55
N SER B 58 -27.12 4.20 12.42
CA SER B 58 -28.41 4.76 12.05
C SER B 58 -29.42 4.82 13.21
N SER B 59 -28.95 4.99 14.45
CA SER B 59 -29.84 5.08 15.62
C SER B 59 -30.89 6.20 15.57
N GLU B 60 -30.44 7.45 15.47
CA GLU B 60 -31.32 8.58 15.22
C GLU B 60 -31.70 8.55 13.74
N GLU B 61 -30.93 7.77 12.99
CA GLU B 61 -30.96 7.76 11.55
C GLU B 61 -31.91 6.68 10.98
N GLN B 62 -32.19 5.64 11.77
CA GLN B 62 -33.00 4.48 11.32
C GLN B 62 -34.41 4.86 10.90
N ASP B 63 -34.99 5.82 11.63
CA ASP B 63 -36.27 6.42 11.28
C ASP B 63 -36.18 7.14 9.94
N LEU B 64 -34.97 7.60 9.59
CA LEU B 64 -34.72 8.16 8.25
C LEU B 64 -34.80 7.02 7.25
N VAL B 65 -34.23 5.88 7.61
CA VAL B 65 -34.28 4.73 6.73
C VAL B 65 -35.74 4.31 6.66
N TRP B 66 -36.41 4.32 7.81
CA TRP B 66 -37.85 4.07 7.91
C TRP B 66 -38.65 4.85 6.85
N LYS B 67 -38.37 6.16 6.73
CA LYS B 67 -39.12 7.03 5.82
C LYS B 67 -39.05 6.56 4.37
N PHE B 68 -37.87 6.18 3.90
CA PHE B 68 -37.75 5.75 2.52
C PHE B 68 -37.98 4.27 2.29
N ARG B 69 -38.00 3.51 3.39
CA ARG B 69 -38.28 2.08 3.34
C ARG B 69 -39.69 1.79 2.86
N PHE B 70 -40.65 2.58 3.34
CA PHE B 70 -42.05 2.43 2.95
C PHE B 70 -42.21 2.27 1.44
N TYR B 71 -41.62 3.19 0.67
CA TYR B 71 -41.67 3.10 -0.79
C TYR B 71 -40.59 2.14 -1.32
N LEU B 72 -39.51 1.97 -0.55
CA LEU B 72 -38.36 1.21 -1.02
C LEU B 72 -38.11 -0.13 -0.32
N SER B 73 -39.03 -1.07 -0.47
CA SER B 73 -38.70 -2.48 -0.26
C SER B 73 -37.91 -2.91 -1.49
N SER B 74 -37.00 -2.03 -1.90
CA SER B 74 -36.27 -2.13 -3.15
C SER B 74 -35.76 -3.54 -3.34
N HIS B 75 -34.89 -3.96 -2.42
CA HIS B 75 -34.21 -5.24 -2.54
C HIS B 75 -34.08 -5.92 -1.19
N LYS B 76 -33.46 -7.09 -1.22
CA LYS B 76 -33.41 -8.00 -0.08
C LYS B 76 -32.64 -7.44 1.12
N LYS B 77 -31.43 -6.95 0.87
CA LYS B 77 -30.57 -6.41 1.93
C LYS B 77 -31.24 -5.29 2.72
N ALA B 78 -32.23 -4.65 2.11
CA ALA B 78 -33.04 -3.66 2.77
C ALA B 78 -33.61 -4.20 4.07
N LEU B 79 -34.09 -5.43 4.04
CA LEU B 79 -34.85 -5.97 5.15
C LEU B 79 -34.07 -6.05 6.46
N THR B 80 -32.93 -6.74 6.47
CA THR B 80 -32.17 -6.94 7.71
C THR B 80 -31.98 -5.65 8.52
N LYS B 81 -31.82 -4.55 7.83
CA LYS B 81 -31.60 -3.26 8.45
C LYS B 81 -32.90 -2.74 9.07
N PHE B 82 -33.99 -2.90 8.32
CA PHE B 82 -35.33 -2.44 8.70
C PHE B 82 -35.71 -2.96 10.07
N LEU B 83 -35.51 -4.26 10.26
CA LEU B 83 -35.85 -4.94 11.49
C LEU B 83 -35.04 -4.40 12.66
N LYS B 84 -33.80 -3.99 12.37
CA LYS B 84 -32.91 -3.47 13.41
C LYS B 84 -33.42 -2.16 14.01
N CYS B 85 -34.13 -1.36 13.22
CA CYS B 85 -34.64 -0.08 13.72
C CYS B 85 -35.99 -0.18 14.45
N ILE B 86 -36.95 -0.86 13.84
CA ILE B 86 -38.31 -0.96 14.39
C ILE B 86 -38.39 -1.56 15.79
N ASN B 87 -37.77 -2.74 15.96
CA ASN B 87 -37.98 -3.60 17.11
C ASN B 87 -37.45 -3.04 18.43
N TRP B 88 -36.39 -2.22 18.35
CA TRP B 88 -35.84 -1.53 19.52
C TRP B 88 -36.93 -0.74 20.28
N LYS B 89 -37.89 -0.14 19.56
CA LYS B 89 -39.04 0.48 20.22
C LYS B 89 -40.18 -0.51 20.47
N LEU B 90 -41.05 -0.14 21.42
CA LEU B 90 -41.83 -1.07 22.23
C LEU B 90 -43.03 -1.82 21.61
N GLU B 91 -44.03 -1.13 21.08
CA GLU B 91 -45.33 -1.82 20.82
C GLU B 91 -46.13 -1.71 19.52
N ASP B 92 -46.12 -0.56 18.84
CA ASP B 92 -46.87 -0.47 17.59
C ASP B 92 -45.98 -0.56 16.35
N GLU B 93 -44.75 -0.09 16.48
CA GLU B 93 -43.73 -0.25 15.44
C GLU B 93 -43.81 -1.68 14.94
N VAL B 94 -44.01 -2.60 15.87
CA VAL B 94 -44.05 -4.05 15.64
C VAL B 94 -45.07 -4.43 14.58
N THR B 95 -46.35 -4.14 14.84
CA THR B 95 -47.44 -4.53 13.93
C THR B 95 -47.25 -3.95 12.53
N GLN B 96 -46.72 -2.73 12.47
CA GLN B 96 -46.49 -2.04 11.21
C GLN B 96 -45.39 -2.72 10.42
N ALA B 97 -44.35 -3.13 11.15
CA ALA B 97 -43.17 -3.75 10.55
C ALA B 97 -43.49 -5.07 9.88
N LEU B 98 -44.28 -5.92 10.55
CA LEU B 98 -44.59 -7.23 9.99
C LEU B 98 -45.35 -7.05 8.68
N TRP B 99 -46.33 -6.14 8.66
CA TRP B 99 -47.06 -5.88 7.41
C TRP B 99 -46.05 -5.51 6.36
N MET B 100 -45.10 -4.67 6.75
CA MET B 100 -44.03 -4.25 5.86
C MET B 100 -43.13 -5.42 5.48
N LEU B 101 -42.81 -6.26 6.46
CA LEU B 101 -41.97 -7.43 6.23
C LEU B 101 -42.62 -8.33 5.22
N ALA B 102 -43.89 -8.65 5.46
CA ALA B 102 -44.64 -9.56 4.59
C ALA B 102 -44.71 -9.01 3.18
N ASN B 103 -44.79 -7.69 3.08
CA ASN B 103 -44.80 -7.01 1.77
C ASN B 103 -43.40 -6.95 1.15
N TRP B 104 -42.36 -7.09 1.96
CA TRP B 104 -40.97 -6.90 1.51
C TRP B 104 -40.46 -7.99 0.58
N ALA B 105 -39.78 -7.57 -0.48
CA ALA B 105 -39.09 -8.48 -1.40
C ALA B 105 -38.27 -9.46 -0.58
N PRO B 106 -38.50 -10.77 -0.77
CA PRO B 106 -38.06 -11.83 0.13
C PRO B 106 -36.56 -11.77 0.42
N MET B 107 -36.19 -12.12 1.65
CA MET B 107 -34.82 -12.01 2.14
C MET B 107 -33.95 -13.17 1.67
N ASP B 108 -32.70 -12.85 1.32
CA ASP B 108 -31.71 -13.87 0.97
C ASP B 108 -31.41 -14.76 2.18
N VAL B 109 -30.88 -15.96 1.93
CA VAL B 109 -30.70 -16.95 3.00
C VAL B 109 -29.69 -16.53 4.07
N GLU B 110 -28.67 -15.78 3.66
CA GLU B 110 -27.66 -15.30 4.60
C GLU B 110 -28.30 -14.34 5.58
N ASP B 111 -28.94 -13.30 5.06
CA ASP B 111 -29.72 -12.43 5.92
C ASP B 111 -30.50 -13.28 6.93
N ALA B 112 -31.17 -14.33 6.44
CA ALA B 112 -31.93 -15.22 7.29
C ALA B 112 -31.11 -15.75 8.46
N LEU B 113 -29.83 -16.01 8.22
CA LEU B 113 -28.95 -16.54 9.24
C LEU B 113 -28.89 -15.59 10.42
N GLU B 114 -28.81 -14.29 10.14
CA GLU B 114 -28.77 -13.29 11.19
C GLU B 114 -30.06 -13.29 12.01
N LEU B 115 -31.17 -13.58 11.35
CA LEU B 115 -32.46 -13.49 12.03
C LEU B 115 -32.65 -14.57 13.10
N LEU B 116 -31.96 -15.70 12.96
CA LEU B 116 -32.12 -16.78 13.91
C LEU B 116 -31.53 -16.42 15.26
N SER B 117 -30.50 -15.56 15.22
CA SER B 117 -29.68 -15.16 16.38
C SER B 117 -30.41 -14.41 17.53
N PRO B 118 -29.72 -14.22 18.69
CA PRO B 118 -30.29 -13.61 19.90
C PRO B 118 -30.54 -12.12 19.73
N THR B 119 -29.98 -11.54 18.67
CA THR B 119 -30.25 -10.15 18.32
C THR B 119 -31.72 -9.92 17.91
N PHE B 120 -32.35 -10.92 17.29
CA PHE B 120 -33.81 -10.89 17.04
C PHE B 120 -34.52 -11.96 17.87
N THR B 121 -35.38 -11.53 18.79
CA THR B 121 -36.13 -12.48 19.62
C THR B 121 -37.60 -12.67 19.26
N HIS B 122 -38.11 -11.91 18.30
CA HIS B 122 -39.51 -12.01 17.91
C HIS B 122 -39.86 -13.38 17.31
N PRO B 123 -40.97 -14.00 17.76
CA PRO B 123 -41.37 -15.29 17.15
C PRO B 123 -41.65 -15.18 15.64
N GLN B 124 -42.30 -14.10 15.22
CA GLN B 124 -42.72 -13.91 13.83
C GLN B 124 -41.53 -13.84 12.88
N VAL B 125 -40.55 -13.03 13.24
CA VAL B 125 -39.36 -12.86 12.41
C VAL B 125 -38.65 -14.20 12.23
N ARG B 126 -38.54 -14.96 13.30
CA ARG B 126 -37.86 -16.25 13.27
C ARG B 126 -38.61 -17.23 12.37
N LYS B 127 -39.94 -17.25 12.48
CA LYS B 127 -40.79 -18.01 11.57
C LYS B 127 -40.39 -17.66 10.14
N TYR B 128 -40.30 -16.37 9.86
CA TYR B 128 -39.92 -15.88 8.55
C TYR B 128 -38.52 -16.36 8.16
N ALA B 129 -37.57 -16.30 9.09
CA ALA B 129 -36.20 -16.74 8.83
C ALA B 129 -36.17 -18.23 8.46
N VAL B 130 -36.96 -19.00 9.18
CA VAL B 130 -37.05 -20.43 8.97
C VAL B 130 -37.74 -20.73 7.63
N SER B 131 -38.62 -19.85 7.18
CA SER B 131 -39.24 -20.01 5.87
C SER B 131 -38.21 -19.78 4.78
N ARG B 132 -37.26 -18.90 5.07
CA ARG B 132 -36.16 -18.62 4.15
C ARG B 132 -35.28 -19.84 4.07
N LEU B 133 -34.98 -20.44 5.22
CA LEU B 133 -34.23 -21.68 5.27
C LEU B 133 -34.92 -22.74 4.42
N ALA B 134 -36.24 -22.74 4.43
CA ALA B 134 -37.03 -23.74 3.71
C ALA B 134 -36.70 -23.66 2.24
N GLN B 135 -36.48 -22.44 1.75
CA GLN B 135 -36.17 -22.22 0.35
C GLN B 135 -34.84 -22.81 -0.05
N ALA B 136 -33.90 -22.86 0.89
CA ALA B 136 -32.53 -23.26 0.58
C ALA B 136 -32.40 -24.71 0.18
N PRO B 137 -31.61 -24.96 -0.86
CA PRO B 137 -31.13 -26.28 -1.23
C PRO B 137 -30.49 -27.02 -0.05
N ASP B 138 -30.61 -28.35 -0.06
CA ASP B 138 -30.05 -29.20 0.98
C ASP B 138 -28.56 -28.99 1.19
N GLU B 139 -27.85 -28.68 0.11
CA GLU B 139 -26.41 -28.47 0.19
C GLU B 139 -26.07 -27.25 1.03
N ASP B 140 -26.84 -26.17 0.84
CA ASP B 140 -26.63 -24.94 1.60
C ASP B 140 -26.96 -25.20 3.06
N LEU B 141 -28.02 -25.97 3.27
CA LEU B 141 -28.38 -26.44 4.59
C LEU B 141 -27.24 -27.22 5.23
N LEU B 142 -26.68 -28.18 4.51
CA LEU B 142 -25.54 -28.92 5.01
C LEU B 142 -24.52 -27.97 5.59
N LEU B 143 -24.25 -26.89 4.87
CA LEU B 143 -23.18 -25.98 5.26
C LEU B 143 -23.48 -25.19 6.51
N TYR B 144 -24.70 -24.68 6.60
CA TYR B 144 -25.05 -23.76 7.66
C TYR B 144 -25.46 -24.58 8.85
N LEU B 145 -25.59 -25.87 8.61
CA LEU B 145 -26.21 -26.77 9.56
C LEU B 145 -25.45 -26.83 10.86
N LEU B 146 -24.13 -26.74 10.78
CA LEU B 146 -23.33 -26.64 12.00
C LEU B 146 -23.74 -25.43 12.83
N GLN B 147 -23.83 -24.26 12.19
CA GLN B 147 -24.30 -23.05 12.87
C GLN B 147 -25.78 -23.16 13.12
N LEU B 148 -26.47 -23.93 12.30
CA LEU B 148 -27.93 -24.14 12.46
C LEU B 148 -28.23 -24.93 13.72
N VAL B 149 -27.41 -25.93 14.03
CA VAL B 149 -27.52 -26.68 15.28
C VAL B 149 -27.33 -25.73 16.45
N GLN B 150 -26.29 -24.89 16.36
CA GLN B 150 -26.01 -23.92 17.41
C GLN B 150 -27.18 -22.96 17.60
N ALA B 151 -27.80 -22.58 16.49
CA ALA B 151 -28.93 -21.64 16.50
C ALA B 151 -30.02 -22.05 17.46
N LEU B 152 -30.17 -23.36 17.67
CA LEU B 152 -31.21 -23.94 18.51
C LEU B 152 -31.21 -23.39 19.94
N LYS B 153 -30.02 -23.03 20.42
CA LYS B 153 -29.84 -22.49 21.77
C LYS B 153 -30.70 -21.25 22.01
N TYR B 154 -31.05 -20.58 20.93
CA TYR B 154 -31.85 -19.39 21.06
C TYR B 154 -33.32 -19.78 21.03
N GLU B 155 -34.14 -18.94 21.69
CA GLU B 155 -35.54 -19.23 21.93
C GLU B 155 -36.24 -19.81 20.70
N ASP B 156 -37.35 -20.52 20.90
CA ASP B 156 -38.05 -20.59 22.17
C ASP B 156 -37.96 -21.99 22.78
N PRO B 157 -37.63 -22.06 24.09
CA PRO B 157 -37.71 -23.29 24.90
C PRO B 157 -39.08 -23.97 24.81
N ARG B 158 -40.13 -23.16 24.73
CA ARG B 158 -41.53 -23.60 24.64
C ARG B 158 -41.79 -24.51 23.44
N HIS B 159 -41.21 -24.16 22.28
CA HIS B 159 -41.42 -24.93 21.03
C HIS B 159 -40.96 -26.36 21.17
N ILE B 160 -39.79 -26.53 21.79
CA ILE B 160 -39.19 -27.84 22.00
C ILE B 160 -40.10 -28.67 22.89
N VAL B 161 -40.53 -28.09 24.02
CA VAL B 161 -41.36 -28.81 24.99
C VAL B 161 -42.76 -29.16 24.48
N HIS B 162 -43.34 -28.31 23.65
CA HIS B 162 -44.67 -28.61 23.10
C HIS B 162 -44.63 -29.61 21.95
N LEU B 163 -43.55 -29.59 21.19
CA LEU B 163 -43.32 -30.61 20.16
C LEU B 163 -43.03 -31.95 20.84
N HIS B 164 -42.37 -31.88 22.00
CA HIS B 164 -42.11 -33.05 22.83
C HIS B 164 -43.42 -33.60 23.36
N GLY B 165 -44.28 -32.69 23.83
CA GLY B 165 -45.62 -33.02 24.30
C GLY B 165 -46.41 -33.72 23.21
N CYS B 166 -46.26 -33.24 21.97
CA CYS B 166 -46.87 -33.87 20.81
C CYS B 166 -46.33 -35.27 20.58
N ILE B 167 -45.04 -35.49 20.87
CA ILE B 167 -44.35 -36.78 20.69
C ILE B 167 -44.45 -37.35 19.27
N ASN B 279 -40.96 -23.58 15.57
CA ASN B 279 -40.95 -24.07 14.19
C ASN B 279 -39.55 -24.23 13.58
N LEU B 280 -38.50 -23.96 14.36
CA LEU B 280 -37.12 -24.23 13.89
C LEU B 280 -36.67 -25.66 14.14
N CYS B 281 -36.76 -26.10 15.39
CA CYS B 281 -36.41 -27.48 15.74
C CYS B 281 -37.17 -28.43 14.82
N THR B 282 -38.47 -28.19 14.68
CA THR B 282 -39.35 -28.96 13.84
C THR B 282 -38.80 -29.03 12.41
N PHE B 283 -38.42 -27.87 11.87
CA PHE B 283 -37.94 -27.75 10.51
C PHE B 283 -36.73 -28.63 10.31
N LEU B 284 -35.76 -28.47 11.19
CA LEU B 284 -34.52 -29.25 11.13
C LEU B 284 -34.77 -30.75 11.17
N ILE B 285 -35.73 -31.18 11.98
CA ILE B 285 -36.08 -32.59 12.11
C ILE B 285 -36.74 -33.05 10.82
N GLN B 286 -37.78 -32.35 10.41
CA GLN B 286 -38.52 -32.68 9.21
C GLN B 286 -37.57 -32.89 8.04
N ARG B 287 -36.58 -32.02 7.91
CA ARG B 287 -35.66 -32.10 6.78
C ARG B 287 -34.59 -33.15 6.96
N ALA B 288 -34.15 -33.36 8.19
CA ALA B 288 -33.19 -34.42 8.46
C ALA B 288 -33.77 -35.71 7.91
N CYS B 289 -35.09 -35.88 8.05
CA CYS B 289 -35.76 -37.11 7.65
C CYS B 289 -35.86 -37.26 6.15
N THR B 290 -36.00 -36.13 5.46
CA THR B 290 -36.03 -36.07 4.01
C THR B 290 -34.73 -36.57 3.40
N ASN B 291 -33.61 -36.14 3.98
CA ASN B 291 -32.30 -36.40 3.37
C ASN B 291 -31.40 -37.21 4.27
N ALA B 292 -30.88 -38.30 3.72
CA ALA B 292 -30.02 -39.22 4.47
C ALA B 292 -28.69 -38.64 4.93
N THR B 293 -27.96 -37.91 4.07
CA THR B 293 -26.70 -37.30 4.52
C THR B 293 -26.98 -36.18 5.54
N LEU B 294 -28.01 -35.38 5.28
CA LEU B 294 -28.44 -34.35 6.23
C LEU B 294 -28.65 -34.99 7.57
N ALA B 295 -29.51 -36.00 7.60
CA ALA B 295 -29.84 -36.72 8.84
C ALA B 295 -28.59 -37.17 9.56
N ASN B 296 -27.66 -37.76 8.81
CA ASN B 296 -26.42 -38.25 9.36
C ASN B 296 -25.71 -37.19 10.18
N TYR B 297 -25.47 -36.03 9.56
CA TYR B 297 -24.70 -34.96 10.19
C TYR B 297 -25.47 -34.35 11.33
N PHE B 298 -26.78 -34.21 11.15
CA PHE B 298 -27.62 -33.74 12.22
C PHE B 298 -27.40 -34.62 13.44
N TYR B 299 -27.46 -35.93 13.24
CA TYR B 299 -27.33 -36.84 14.37
C TYR B 299 -26.02 -36.63 15.10
N TRP B 300 -24.93 -36.61 14.36
CA TRP B 300 -23.60 -36.52 14.96
C TRP B 300 -23.36 -35.21 15.70
N TYR B 301 -23.81 -34.10 15.09
CA TYR B 301 -23.68 -32.79 15.68
C TYR B 301 -24.50 -32.69 16.95
N LEU B 302 -25.57 -33.45 17.02
CA LEU B 302 -26.41 -33.48 18.19
C LEU B 302 -25.78 -34.30 19.30
N SER B 303 -25.31 -35.51 18.97
CA SER B 303 -24.79 -36.42 19.97
C SER B 303 -23.52 -35.93 20.69
N ILE B 304 -22.72 -35.09 20.03
CA ILE B 304 -21.54 -34.48 20.67
C ILE B 304 -22.00 -33.54 21.78
N GLU B 305 -23.06 -32.79 21.50
CA GLU B 305 -23.51 -31.72 22.40
C GLU B 305 -24.26 -32.24 23.61
N VAL B 306 -24.69 -33.50 23.55
CA VAL B 306 -25.45 -34.11 24.64
C VAL B 306 -24.56 -35.01 25.50
N GLU B 307 -23.36 -35.30 25.02
CA GLU B 307 -22.45 -36.23 25.70
C GLU B 307 -22.13 -35.78 27.13
N ARG B 313 -20.04 -23.13 32.97
CA ARG B 313 -21.20 -22.34 33.38
C ARG B 313 -22.33 -23.20 33.88
N LYS B 314 -23.08 -22.66 34.84
CA LYS B 314 -24.28 -23.32 35.38
C LYS B 314 -25.46 -23.21 34.42
N GLN B 315 -25.48 -22.13 33.64
CA GLN B 315 -26.62 -21.84 32.74
C GLN B 315 -26.45 -22.40 31.32
N ASP B 316 -25.25 -22.89 31.01
CA ASP B 316 -25.03 -23.69 29.81
C ASP B 316 -25.63 -25.10 29.99
N GLU B 317 -25.72 -25.55 31.24
CA GLU B 317 -26.25 -26.87 31.58
C GLU B 317 -27.67 -27.17 31.04
N ARG B 318 -28.48 -26.13 30.84
CA ARG B 318 -29.86 -26.29 30.35
C ARG B 318 -29.97 -26.42 28.84
N ALA B 319 -28.96 -25.91 28.14
CA ALA B 319 -28.86 -26.08 26.70
C ALA B 319 -28.67 -27.57 26.42
N HIS B 320 -27.75 -28.21 27.14
CA HIS B 320 -27.58 -29.66 27.06
C HIS B 320 -28.92 -30.38 27.17
N ASP B 321 -29.73 -29.99 28.16
CA ASP B 321 -31.07 -30.57 28.37
C ASP B 321 -31.93 -30.48 27.11
N MET B 322 -31.87 -29.31 26.48
CA MET B 322 -32.64 -29.04 25.27
C MET B 322 -32.13 -29.88 24.10
N TYR B 323 -30.81 -29.93 23.91
CA TYR B 323 -30.26 -30.78 22.87
C TYR B 323 -30.74 -32.20 23.04
N ALA B 324 -30.69 -32.68 24.28
CA ALA B 324 -31.09 -34.03 24.62
C ALA B 324 -32.55 -34.24 24.26
N MET B 325 -33.43 -33.33 24.66
CA MET B 325 -34.83 -33.43 24.33
C MET B 325 -34.99 -33.59 22.81
N VAL B 326 -34.26 -32.75 22.07
CA VAL B 326 -34.32 -32.69 20.61
C VAL B 326 -33.78 -33.93 19.89
N LEU B 327 -32.61 -34.41 20.29
CA LEU B 327 -32.02 -35.61 19.67
C LEU B 327 -33.03 -36.76 19.74
N LYS B 328 -33.58 -36.98 20.93
CA LYS B 328 -34.48 -38.10 21.18
C LYS B 328 -35.78 -37.98 20.39
N MET B 329 -36.30 -36.76 20.27
CA MET B 329 -37.47 -36.53 19.44
C MET B 329 -37.14 -36.95 18.01
N PHE B 330 -36.05 -36.40 17.47
CA PHE B 330 -35.54 -36.77 16.14
C PHE B 330 -35.45 -38.29 15.99
N LEU B 331 -34.79 -38.94 16.94
CA LEU B 331 -34.66 -40.41 16.92
C LEU B 331 -36.00 -41.12 16.99
N LYS B 332 -36.97 -40.51 17.66
CA LYS B 332 -38.28 -41.14 17.80
C LYS B 332 -39.06 -41.02 16.50
N VAL B 333 -38.99 -39.86 15.87
CA VAL B 333 -39.66 -39.67 14.58
C VAL B 333 -39.15 -40.72 13.61
N LEU B 334 -37.83 -40.92 13.57
CA LEU B 334 -37.22 -41.96 12.73
C LEU B 334 -37.73 -43.38 13.03
N GLU B 335 -37.92 -43.70 14.32
CA GLU B 335 -38.43 -45.02 14.73
C GLU B 335 -39.87 -45.22 14.30
N ASN B 336 -40.69 -44.20 14.52
CA ASN B 336 -42.11 -44.21 14.18
C ASN B 336 -42.35 -43.93 12.71
N GLY B 337 -41.33 -43.44 12.01
CA GLY B 337 -41.49 -43.03 10.62
C GLY B 337 -41.82 -44.20 9.71
N ASN B 338 -41.73 -43.95 8.41
CA ASN B 338 -42.04 -44.97 7.45
C ASN B 338 -40.82 -45.82 7.11
N PHE B 339 -40.90 -46.44 5.95
CA PHE B 339 -39.88 -47.32 5.46
C PHE B 339 -38.52 -46.64 5.42
N ASN B 340 -38.50 -45.40 4.93
CA ASN B 340 -37.27 -44.66 4.68
C ASN B 340 -36.62 -44.09 5.92
N LEU B 341 -37.44 -43.59 6.83
CA LEU B 341 -36.92 -43.08 8.11
C LEU B 341 -36.36 -44.25 8.91
N ARG B 342 -37.15 -45.31 9.08
CA ARG B 342 -36.71 -46.53 9.74
C ARG B 342 -35.33 -46.96 9.22
N GLY B 343 -35.13 -46.84 7.91
CA GLY B 343 -33.89 -47.24 7.26
C GLY B 343 -32.71 -46.40 7.66
N ILE B 344 -32.92 -45.08 7.74
CA ILE B 344 -31.90 -44.12 8.21
C ILE B 344 -31.52 -44.41 9.65
N PHE B 345 -32.55 -44.61 10.47
CA PHE B 345 -32.37 -44.89 11.87
C PHE B 345 -31.54 -46.15 12.06
N TYR B 346 -31.94 -47.22 11.38
CA TYR B 346 -31.20 -48.48 11.45
C TYR B 346 -29.73 -48.21 11.16
N ASN B 347 -29.49 -47.27 10.25
CA ASN B 347 -28.15 -46.93 9.83
C ASN B 347 -27.37 -46.09 10.84
N LEU B 348 -28.05 -45.16 11.50
CA LEU B 348 -27.40 -44.37 12.54
C LEU B 348 -26.91 -45.24 13.68
N ARG B 349 -27.77 -46.17 14.13
CA ARG B 349 -27.45 -47.15 15.16
C ARG B 349 -26.27 -48.00 14.74
N LYS B 350 -26.30 -48.50 13.51
CA LYS B 350 -25.19 -49.26 12.91
C LYS B 350 -23.89 -48.50 13.05
N GLN B 351 -23.97 -47.18 12.88
CA GLN B 351 -22.78 -46.35 12.97
C GLN B 351 -22.28 -46.24 14.40
N ARG B 352 -23.20 -46.11 15.36
CA ARG B 352 -22.81 -46.01 16.77
C ARG B 352 -22.01 -47.21 17.21
N ARG B 353 -22.58 -48.40 17.03
CA ARG B 353 -21.92 -49.62 17.45
C ARG B 353 -20.51 -49.67 16.90
N PHE B 354 -20.38 -49.32 15.62
CA PHE B 354 -19.09 -49.37 14.95
C PHE B 354 -18.11 -48.41 15.59
N ILE B 355 -18.58 -47.18 15.83
CA ILE B 355 -17.77 -46.17 16.50
C ILE B 355 -17.29 -46.67 17.86
N ASP B 356 -18.19 -47.26 18.65
CA ASP B 356 -17.89 -47.73 19.99
C ASP B 356 -16.90 -48.88 19.99
N GLU B 357 -17.09 -49.80 19.04
CA GLU B 357 -16.20 -50.93 18.85
C GLU B 357 -14.80 -50.51 18.36
N LEU B 358 -14.73 -49.49 17.51
CA LEU B 358 -13.42 -48.98 17.09
C LEU B 358 -12.74 -48.27 18.25
N VAL B 359 -13.53 -47.51 19.02
CA VAL B 359 -13.04 -46.83 20.23
C VAL B 359 -12.41 -47.83 21.20
N LYS B 360 -13.13 -48.92 21.49
CA LYS B 360 -12.61 -49.95 22.40
C LYS B 360 -11.25 -50.47 21.92
N LEU B 361 -11.18 -50.88 20.65
CA LEU B 361 -9.93 -51.32 20.03
C LEU B 361 -8.83 -50.28 20.23
N VAL B 362 -9.12 -49.03 19.91
CA VAL B 362 -8.14 -47.94 20.03
C VAL B 362 -7.63 -47.71 21.46
N LYS B 363 -8.54 -47.77 22.43
CA LYS B 363 -8.21 -47.61 23.84
C LYS B 363 -7.22 -48.69 24.30
N LEU B 364 -7.36 -49.88 23.74
CA LEU B 364 -6.49 -51.00 24.06
C LEU B 364 -5.10 -50.88 23.42
N VAL B 365 -5.00 -50.16 22.31
CA VAL B 365 -3.69 -49.87 21.71
C VAL B 365 -2.92 -48.90 22.62
N ALA B 366 -3.65 -47.94 23.16
CA ALA B 366 -3.11 -46.97 24.13
C ALA B 366 -2.72 -47.63 25.45
N LYS B 367 -3.53 -48.59 25.92
CA LYS B 367 -3.27 -49.30 27.17
C LYS B 367 -1.94 -50.05 27.15
N GLU B 368 -1.59 -50.61 26.00
CA GLU B 368 -0.28 -51.23 25.83
C GLU B 368 0.77 -50.13 25.74
N PRO B 369 1.82 -50.21 26.58
CA PRO B 369 2.87 -49.18 26.57
C PRO B 369 4.06 -49.56 25.70
N GLY B 370 4.72 -48.57 25.10
CA GLY B 370 5.95 -48.84 24.36
C GLY B 370 6.18 -48.08 23.05
N ASN B 371 6.88 -48.75 22.14
CA ASN B 371 7.33 -48.16 20.87
C ASN B 371 6.18 -47.94 19.88
N ARG B 372 6.43 -47.10 18.88
CA ARG B 372 5.47 -46.84 17.81
C ARG B 372 5.25 -48.07 16.92
N ASN B 373 6.34 -48.75 16.56
CA ASN B 373 6.28 -50.01 15.79
C ASN B 373 5.51 -51.10 16.53
N LYS B 374 5.66 -51.08 17.86
CA LYS B 374 4.98 -52.04 18.73
C LYS B 374 3.48 -51.78 18.75
N LYS B 375 3.10 -50.51 18.81
CA LYS B 375 1.69 -50.13 18.89
C LYS B 375 0.94 -50.38 17.57
N THR B 376 1.62 -50.15 16.44
CA THR B 376 1.09 -50.48 15.10
C THR B 376 0.89 -51.98 14.92
N GLU B 377 1.89 -52.77 15.33
CA GLU B 377 1.81 -54.23 15.30
C GLU B 377 0.55 -54.68 16.02
N LYS B 378 0.34 -54.08 17.19
CA LYS B 378 -0.80 -54.37 18.05
C LYS B 378 -2.08 -53.95 17.34
N PHE B 379 -2.05 -52.78 16.70
CA PHE B 379 -3.20 -52.26 15.99
C PHE B 379 -3.61 -53.25 14.91
N GLN B 380 -2.64 -53.64 14.08
CA GLN B 380 -2.88 -54.59 12.99
C GLN B 380 -3.50 -55.89 13.49
N LYS B 381 -3.04 -56.36 14.64
CA LYS B 381 -3.52 -57.61 15.20
C LYS B 381 -4.94 -57.50 15.72
N LEU B 382 -5.27 -56.37 16.31
CA LEU B 382 -6.61 -56.18 16.85
C LEU B 382 -7.64 -56.08 15.72
N LEU B 383 -7.23 -55.48 14.61
CA LEU B 383 -8.06 -55.40 13.41
C LEU B 383 -8.29 -56.77 12.76
N ALA B 384 -7.22 -57.58 12.73
CA ALA B 384 -7.26 -58.90 12.11
C ALA B 384 -8.01 -59.93 12.96
N GLU B 385 -8.10 -59.64 14.26
CA GLU B 385 -8.79 -60.51 15.21
C GLU B 385 -10.29 -60.46 14.99
N GLN B 386 -10.83 -61.50 14.35
CA GLN B 386 -12.25 -61.55 14.06
C GLN B 386 -13.01 -61.98 15.30
N ASP B 387 -14.16 -61.35 15.52
CA ASP B 387 -15.10 -61.67 16.62
C ASP B 387 -14.57 -61.66 18.08
N MET B 388 -13.49 -60.94 18.33
CA MET B 388 -13.19 -60.57 19.71
C MET B 388 -13.90 -59.25 20.01
N PHE B 389 -14.62 -58.76 19.00
CA PHE B 389 -15.38 -57.52 19.07
C PHE B 389 -16.78 -57.73 18.51
N LYS B 390 -17.74 -56.97 19.06
CA LYS B 390 -19.17 -57.02 18.62
C LYS B 390 -19.25 -56.93 17.12
N VAL B 391 -18.38 -56.09 16.56
CA VAL B 391 -18.21 -55.94 15.14
C VAL B 391 -16.89 -56.62 14.78
N ASN B 392 -16.90 -57.40 13.72
CA ASN B 392 -15.68 -57.93 13.17
C ASN B 392 -15.13 -56.93 12.16
N PHE B 393 -13.91 -56.43 12.38
CA PHE B 393 -13.34 -55.35 11.53
C PHE B 393 -12.76 -55.81 10.20
N THR B 394 -12.31 -57.06 10.15
CA THR B 394 -11.80 -57.68 8.92
C THR B 394 -12.87 -57.66 7.83
N ASN B 395 -14.13 -57.80 8.24
CA ASN B 395 -15.29 -57.60 7.38
C ASN B 395 -16.62 -57.47 8.15
N PHE B 396 -17.46 -56.52 7.73
CA PHE B 396 -18.75 -56.32 8.38
C PHE B 396 -19.86 -55.88 7.41
N GLU B 397 -21.10 -55.92 7.88
CA GLU B 397 -22.24 -55.44 7.07
C GLU B 397 -22.08 -53.97 6.72
N PRO B 398 -22.22 -53.61 5.42
CA PRO B 398 -22.07 -52.25 4.90
C PRO B 398 -22.75 -51.17 5.72
N ILE B 399 -21.97 -50.16 6.10
CA ILE B 399 -22.48 -48.97 6.79
C ILE B 399 -22.02 -47.71 6.07
N PRO B 400 -22.92 -46.72 5.92
CA PRO B 400 -22.54 -45.42 5.40
C PRO B 400 -21.49 -44.78 6.32
N PHE B 401 -20.44 -44.21 5.73
CA PHE B 401 -19.33 -43.62 6.50
C PHE B 401 -19.79 -42.33 7.19
N PRO B 402 -19.64 -42.26 8.53
CA PRO B 402 -20.05 -41.04 9.22
C PRO B 402 -19.38 -39.76 8.67
N LEU B 403 -18.11 -39.89 8.28
CA LEU B 403 -17.34 -38.82 7.68
C LEU B 403 -17.96 -38.44 6.35
N ASP B 404 -18.15 -39.44 5.50
CA ASP B 404 -18.78 -39.25 4.21
C ASP B 404 -19.97 -40.20 4.00
N PRO B 405 -21.20 -39.70 4.25
CA PRO B 405 -22.39 -40.55 4.27
C PRO B 405 -22.72 -41.22 2.95
N GLU B 406 -22.22 -40.70 1.84
CA GLU B 406 -22.53 -41.31 0.55
C GLU B 406 -21.84 -42.64 0.40
N ILE B 407 -20.62 -42.74 0.94
CA ILE B 407 -19.86 -43.97 0.87
C ILE B 407 -20.31 -45.00 1.94
N TYR B 408 -20.39 -46.27 1.53
CA TYR B 408 -20.60 -47.36 2.49
C TYR B 408 -19.29 -48.11 2.71
N ILE B 409 -19.10 -48.66 3.90
CA ILE B 409 -17.92 -49.47 4.12
C ILE B 409 -18.28 -50.91 4.48
N THR B 410 -17.57 -51.83 3.84
CA THR B 410 -17.66 -53.26 4.12
C THR B 410 -16.66 -53.67 5.21
N LYS B 411 -15.39 -53.34 5.01
CA LYS B 411 -14.32 -53.74 5.93
C LYS B 411 -13.18 -52.75 6.04
N ILE B 412 -12.24 -53.04 6.95
CA ILE B 412 -10.95 -52.34 7.10
C ILE B 412 -9.83 -53.30 6.74
N VAL B 413 -8.79 -52.81 6.06
CA VAL B 413 -7.58 -53.60 5.84
C VAL B 413 -6.58 -53.34 6.98
N PRO B 414 -6.25 -54.39 7.77
CA PRO B 414 -5.31 -54.29 8.89
C PRO B 414 -3.86 -53.97 8.49
N MET B 415 -3.28 -54.77 7.60
CA MET B 415 -1.86 -54.60 7.23
C MET B 415 -1.58 -53.23 6.63
N ARG B 416 -2.60 -52.60 6.05
CA ARG B 416 -2.43 -51.32 5.41
C ARG B 416 -2.43 -50.15 6.41
N THR B 417 -2.96 -50.36 7.62
CA THR B 417 -2.99 -49.30 8.63
C THR B 417 -1.62 -48.93 9.20
N SER B 418 -1.39 -47.62 9.40
CA SER B 418 -0.16 -47.11 10.03
C SER B 418 -0.47 -46.05 11.10
N LEU B 419 0.46 -45.84 12.03
CA LEU B 419 0.28 -44.78 13.04
C LEU B 419 1.12 -43.53 12.76
N PHE B 420 0.57 -42.36 13.06
CA PHE B 420 1.21 -41.06 12.75
C PHE B 420 2.24 -40.57 13.78
N LYS B 421 3.16 -39.74 13.29
CA LYS B 421 4.32 -39.24 14.06
C LYS B 421 3.98 -38.50 15.37
N SER B 422 2.88 -37.73 15.35
CA SER B 422 2.43 -36.94 16.52
C SER B 422 2.45 -37.76 17.82
N ALA B 423 2.81 -37.10 18.93
CA ALA B 423 2.94 -37.74 20.25
C ALA B 423 1.65 -38.44 20.70
N LEU B 424 0.55 -37.67 20.75
CA LEU B 424 -0.81 -38.20 20.66
C LEU B 424 -0.84 -38.80 19.27
N MET B 425 -1.01 -40.13 19.17
CA MET B 425 -0.77 -40.77 17.86
C MET B 425 -1.99 -41.16 17.03
N PRO B 426 -2.25 -40.39 15.95
CA PRO B 426 -3.34 -40.62 15.01
C PRO B 426 -3.16 -41.93 14.25
N ALA B 427 -4.28 -42.57 13.91
CA ALA B 427 -4.28 -43.80 13.14
C ALA B 427 -4.86 -43.53 11.77
N LYS B 428 -4.19 -44.05 10.74
CA LYS B 428 -4.75 -44.02 9.39
C LYS B 428 -5.32 -45.39 9.08
N LEU B 429 -6.57 -45.40 8.66
CA LEU B 429 -7.27 -46.64 8.35
C LEU B 429 -7.60 -46.70 6.87
N THR B 430 -7.47 -47.88 6.30
CA THR B 430 -8.01 -48.08 4.97
C THR B 430 -9.29 -48.83 5.11
N PHE B 431 -10.29 -48.32 4.42
CA PHE B 431 -11.61 -48.91 4.39
C PHE B 431 -11.86 -49.44 3.00
N VAL B 432 -12.56 -50.57 2.87
CA VAL B 432 -13.14 -50.93 1.57
C VAL B 432 -14.58 -50.53 1.51
N THR B 433 -14.94 -49.96 0.37
CA THR B 433 -16.28 -49.48 0.08
C THR B 433 -17.11 -50.57 -0.60
N SER B 434 -18.40 -50.31 -0.73
CA SER B 434 -19.32 -51.25 -1.35
C SER B 434 -19.01 -51.49 -2.83
N ILE B 435 -18.34 -50.54 -3.47
CA ILE B 435 -18.24 -50.48 -4.92
C ILE B 435 -16.84 -50.87 -5.42
N ALA B 436 -16.81 -51.76 -6.42
CA ALA B 436 -15.60 -52.00 -7.23
C ALA B 436 -14.35 -52.16 -6.40
N HIS B 437 -14.52 -52.70 -5.19
CA HIS B 437 -13.45 -52.72 -4.21
C HIS B 437 -12.64 -51.41 -4.17
N HIS B 438 -13.32 -50.28 -4.32
CA HIS B 438 -12.74 -48.96 -4.11
C HIS B 438 -12.33 -48.88 -2.66
N GLU B 439 -11.23 -48.19 -2.40
CA GLU B 439 -10.83 -47.99 -1.02
C GLU B 439 -10.88 -46.54 -0.61
N TYR B 440 -11.17 -46.31 0.66
CA TYR B 440 -11.19 -44.97 1.23
C TYR B 440 -10.16 -44.90 2.35
N ALA B 441 -9.40 -43.82 2.39
CA ALA B 441 -8.48 -43.62 3.50
C ALA B 441 -8.99 -42.52 4.41
N ALA B 442 -8.99 -42.82 5.69
CA ALA B 442 -9.37 -41.85 6.70
C ALA B 442 -8.33 -41.75 7.80
N ILE B 443 -8.47 -40.77 8.66
CA ILE B 443 -7.69 -40.72 9.88
C ILE B 443 -8.65 -40.81 11.04
N PHE B 444 -8.28 -41.58 12.05
CA PHE B 444 -9.03 -41.61 13.30
C PHE B 444 -8.18 -41.13 14.46
N LYS B 445 -8.68 -40.15 15.19
CA LYS B 445 -7.90 -39.52 16.24
C LYS B 445 -8.59 -39.67 17.59
N HIS B 446 -7.88 -40.23 18.57
CA HIS B 446 -8.42 -40.43 19.93
C HIS B 446 -8.22 -39.25 20.88
N GLY B 447 -7.28 -38.36 20.56
CA GLY B 447 -6.80 -37.35 21.51
C GLY B 447 -7.62 -36.11 21.85
N ASP B 448 -7.92 -35.28 20.84
CA ASP B 448 -8.58 -34.00 21.15
C ASP B 448 -9.93 -33.81 20.47
N ASP B 449 -10.73 -32.94 21.09
CA ASP B 449 -12.01 -32.53 20.57
C ASP B 449 -11.75 -31.83 19.24
N LEU B 450 -12.50 -32.22 18.21
CA LEU B 450 -12.20 -31.79 16.84
C LEU B 450 -13.06 -30.66 16.32
N ARG B 451 -13.99 -30.17 17.15
CA ARG B 451 -14.92 -29.11 16.75
C ARG B 451 -14.24 -27.86 16.18
N GLN B 452 -13.06 -27.55 16.68
CA GLN B 452 -12.30 -26.40 16.18
C GLN B 452 -11.77 -26.64 14.77
N ASP B 453 -11.21 -27.83 14.53
CA ASP B 453 -10.77 -28.20 13.20
C ASP B 453 -11.97 -28.15 12.24
N GLN B 454 -13.12 -28.66 12.68
CA GLN B 454 -14.27 -28.72 11.78
C GLN B 454 -14.86 -27.36 11.48
N LEU B 455 -14.71 -26.40 12.39
CA LEU B 455 -15.18 -25.07 12.04
C LEU B 455 -14.26 -24.49 11.00
N ILE B 456 -12.97 -24.64 11.19
CA ILE B 456 -12.03 -24.06 10.25
C ILE B 456 -12.26 -24.65 8.87
N LEU B 457 -12.49 -25.96 8.80
CA LEU B 457 -12.69 -26.58 7.51
C LEU B 457 -13.99 -26.23 6.86
N GLN B 458 -15.05 -26.10 7.65
CA GLN B 458 -16.28 -25.57 7.10
C GLN B 458 -16.04 -24.20 6.50
N MET B 459 -15.21 -23.41 7.16
CA MET B 459 -14.96 -22.04 6.76
C MET B 459 -14.11 -22.01 5.51
N ILE B 460 -13.14 -22.92 5.45
CA ILE B 460 -12.30 -23.01 4.29
C ILE B 460 -13.17 -23.43 3.10
N THR B 461 -14.06 -24.39 3.35
CA THR B 461 -14.96 -24.92 2.33
C THR B 461 -15.96 -23.89 1.88
N LEU B 462 -16.54 -23.17 2.82
CA LEU B 462 -17.43 -22.09 2.51
C LEU B 462 -16.68 -21.10 1.61
N MET B 463 -15.51 -20.67 2.08
CA MET B 463 -14.72 -19.71 1.34
C MET B 463 -14.35 -20.17 -0.07
N ASP B 464 -13.92 -21.42 -0.22
CA ASP B 464 -13.60 -21.95 -1.55
C ASP B 464 -14.77 -21.79 -2.51
N LYS B 465 -15.96 -22.20 -2.07
CA LYS B 465 -17.15 -22.13 -2.90
C LYS B 465 -17.40 -20.72 -3.37
N LEU B 466 -17.22 -19.75 -2.48
CA LEU B 466 -17.53 -18.37 -2.80
C LEU B 466 -16.58 -17.91 -3.88
N LEU B 467 -15.32 -18.29 -3.73
CA LEU B 467 -14.29 -17.90 -4.66
C LEU B 467 -14.56 -18.51 -6.01
N ARG B 468 -14.93 -19.78 -6.01
CA ARG B 468 -15.15 -20.49 -7.26
C ARG B 468 -16.42 -20.02 -7.96
N ARG B 469 -17.37 -19.51 -7.19
CA ARG B 469 -18.58 -18.92 -7.74
C ARG B 469 -18.20 -17.67 -8.49
N GLU B 470 -17.12 -17.05 -8.01
CA GLU B 470 -16.50 -15.91 -8.65
C GLU B 470 -15.56 -16.40 -9.73
N ASN B 471 -15.54 -17.72 -9.89
CA ASN B 471 -14.64 -18.44 -10.76
C ASN B 471 -13.14 -18.13 -10.53
N LEU B 472 -12.81 -18.06 -9.24
CA LEU B 472 -11.45 -18.06 -8.79
C LEU B 472 -11.24 -19.42 -8.20
N ASP B 473 -10.50 -20.29 -8.86
CA ASP B 473 -10.21 -21.58 -8.25
C ASP B 473 -8.80 -21.55 -7.70
N LEU B 474 -8.68 -21.44 -6.39
CA LEU B 474 -7.35 -21.33 -5.81
C LEU B 474 -6.76 -22.68 -5.47
N LYS B 475 -7.53 -23.72 -5.73
CA LYS B 475 -7.07 -25.09 -5.57
C LYS B 475 -6.71 -25.38 -4.13
N LEU B 476 -7.64 -24.96 -3.26
CA LEU B 476 -7.56 -25.24 -1.84
C LEU B 476 -7.99 -26.67 -1.66
N THR B 477 -7.69 -27.25 -0.51
CA THR B 477 -8.15 -28.61 -0.28
C THR B 477 -8.94 -28.67 1.03
N PRO B 478 -10.28 -28.59 0.94
CA PRO B 478 -11.09 -28.68 2.14
C PRO B 478 -11.39 -30.10 2.60
N TYR B 479 -10.39 -30.87 3.00
CA TYR B 479 -10.67 -32.21 3.47
C TYR B 479 -11.79 -32.18 4.51
N LYS B 480 -12.64 -33.19 4.47
CA LYS B 480 -13.76 -33.28 5.41
C LYS B 480 -13.25 -33.72 6.76
N VAL B 481 -13.84 -33.14 7.80
CA VAL B 481 -13.56 -33.53 9.18
C VAL B 481 -14.90 -33.76 9.88
N LEU B 482 -14.96 -34.78 10.72
CA LEU B 482 -16.08 -34.89 11.66
C LEU B 482 -15.53 -35.41 12.98
N ALA B 483 -15.99 -34.82 14.08
CA ALA B 483 -15.68 -35.39 15.38
C ALA B 483 -16.86 -36.20 15.81
N THR B 484 -16.63 -37.49 16.07
CA THR B 484 -17.67 -38.34 16.61
C THR B 484 -18.06 -37.78 17.96
N SER B 485 -17.07 -37.69 18.85
CA SER B 485 -17.26 -37.11 20.17
C SER B 485 -16.05 -36.26 20.49
N SER B 486 -16.10 -35.49 21.57
CA SER B 486 -14.91 -34.82 22.06
C SER B 486 -13.96 -35.95 22.39
N LYS B 487 -12.69 -35.81 22.00
CA LYS B 487 -11.68 -36.87 22.18
C LYS B 487 -11.76 -38.08 21.22
N HIS B 488 -12.49 -37.94 20.10
CA HIS B 488 -12.29 -38.79 18.90
C HIS B 488 -13.10 -38.33 17.71
N GLY B 489 -12.52 -38.49 16.52
CA GLY B 489 -13.25 -38.21 15.31
C GLY B 489 -12.53 -38.72 14.10
N PHE B 490 -13.02 -38.33 12.94
CA PHE B 490 -12.40 -38.72 11.71
C PHE B 490 -11.87 -37.53 10.93
N LEU B 491 -10.82 -37.77 10.19
CA LEU B 491 -10.31 -36.78 9.30
C LEU B 491 -10.21 -37.43 7.95
N GLN B 492 -10.69 -36.71 6.93
CA GLN B 492 -10.44 -37.10 5.57
C GLN B 492 -8.95 -37.07 5.39
N TYR B 493 -8.42 -37.96 4.58
CA TYR B 493 -7.00 -37.97 4.35
C TYR B 493 -6.78 -37.67 2.89
N VAL B 494 -5.81 -36.81 2.59
CA VAL B 494 -5.40 -36.56 1.21
C VAL B 494 -3.92 -36.88 1.09
N ASP B 495 -3.54 -37.64 0.05
CA ASP B 495 -2.15 -38.09 -0.07
C ASP B 495 -1.27 -36.88 -0.19
N SER B 496 -0.41 -36.70 0.81
CA SER B 496 0.29 -35.47 0.99
C SER B 496 1.64 -35.76 1.58
N CYS B 497 2.55 -34.81 1.45
CA CYS B 497 3.84 -34.90 2.08
C CYS B 497 4.05 -33.60 2.84
N THR B 498 4.47 -33.68 4.10
CA THR B 498 4.72 -32.48 4.89
C THR B 498 5.88 -31.67 4.31
N VAL B 499 5.83 -30.34 4.41
CA VAL B 499 6.91 -29.51 3.88
C VAL B 499 8.26 -29.84 4.52
N ALA B 500 8.28 -29.98 5.84
CA ALA B 500 9.48 -30.44 6.54
C ALA B 500 9.94 -31.77 5.93
N GLU B 501 8.98 -32.68 5.73
CA GLU B 501 9.25 -33.99 5.15
C GLU B 501 9.78 -33.89 3.73
N VAL B 502 9.19 -33.01 2.94
CA VAL B 502 9.65 -32.82 1.57
C VAL B 502 11.09 -32.34 1.62
N LEU B 503 11.36 -31.31 2.44
CA LEU B 503 12.67 -30.66 2.51
C LEU B 503 13.80 -31.59 2.97
N ALA B 504 13.52 -32.44 3.94
CA ALA B 504 14.51 -33.40 4.41
C ALA B 504 14.71 -34.51 3.37
N ARG B 505 13.62 -34.99 2.78
CA ARG B 505 13.68 -36.12 1.85
C ARG B 505 14.23 -35.71 0.49
N GLU B 506 13.59 -34.72 -0.12
CA GLU B 506 14.09 -34.11 -1.33
C GLU B 506 14.59 -32.73 -0.92
N GLY B 507 15.86 -32.42 -1.19
CA GLY B 507 16.48 -31.19 -0.68
C GLY B 507 15.56 -29.99 -0.58
N ASN B 508 15.17 -29.44 -1.73
CA ASN B 508 14.25 -28.28 -1.76
C ASN B 508 12.91 -28.64 -2.42
N ILE B 509 11.92 -27.76 -2.29
CA ILE B 509 10.56 -27.99 -2.81
C ILE B 509 10.46 -28.21 -4.32
N HIS B 510 11.28 -27.49 -5.07
CA HIS B 510 11.32 -27.66 -6.51
C HIS B 510 11.70 -29.06 -6.94
N ASN B 511 12.61 -29.68 -6.21
CA ASN B 511 13.06 -31.03 -6.52
C ASN B 511 11.89 -31.98 -6.43
N PHE B 512 11.04 -31.76 -5.44
CA PHE B 512 9.83 -32.55 -5.24
C PHE B 512 8.88 -32.42 -6.43
N PHE B 513 8.53 -31.19 -6.80
CA PHE B 513 7.75 -30.92 -7.97
C PHE B 513 8.47 -31.44 -9.20
N ARG B 514 9.79 -31.31 -9.21
CA ARG B 514 10.60 -31.72 -10.35
C ARG B 514 10.56 -33.22 -10.52
N LYS B 515 10.59 -33.94 -9.41
CA LYS B 515 10.54 -35.39 -9.41
C LYS B 515 9.28 -35.88 -10.11
N HIS B 516 8.15 -35.23 -9.85
CA HIS B 516 6.87 -35.77 -10.29
C HIS B 516 6.37 -35.20 -11.61
N HIS B 517 6.68 -33.94 -11.90
CA HIS B 517 6.20 -33.33 -13.14
C HIS B 517 7.30 -32.51 -13.80
N PRO B 518 8.31 -33.18 -14.34
CA PRO B 518 9.40 -32.46 -14.95
C PRO B 518 9.14 -32.13 -16.40
N CYS B 519 9.27 -30.87 -16.76
CA CYS B 519 9.17 -30.45 -18.13
C CYS B 519 10.41 -29.59 -18.44
N ASP B 520 11.16 -29.97 -19.48
CA ASP B 520 12.42 -29.30 -19.86
C ASP B 520 12.34 -27.80 -20.15
N ASN B 521 11.27 -27.39 -20.84
CA ASN B 521 11.02 -25.97 -21.05
C ASN B 521 10.06 -25.46 -19.98
N GLY B 522 9.69 -26.36 -19.08
CA GLY B 522 8.90 -26.00 -17.91
C GLY B 522 9.64 -25.05 -16.97
N PRO B 523 8.89 -24.13 -16.33
CA PRO B 523 9.41 -23.03 -15.55
C PRO B 523 10.71 -23.35 -14.88
N TYR B 524 10.67 -24.35 -14.03
CA TYR B 524 11.82 -24.68 -13.23
C TYR B 524 12.24 -26.11 -13.49
N GLY B 525 12.04 -26.53 -14.73
CA GLY B 525 12.13 -27.93 -15.07
C GLY B 525 10.90 -28.64 -14.52
N ILE B 526 9.86 -27.87 -14.22
CA ILE B 526 8.58 -28.39 -13.72
C ILE B 526 7.50 -28.06 -14.73
N SER B 527 6.43 -28.86 -14.76
CA SER B 527 5.27 -28.56 -15.60
C SER B 527 4.65 -27.24 -15.18
N ALA B 528 4.32 -26.40 -16.15
CA ALA B 528 3.80 -25.04 -15.89
C ALA B 528 2.58 -25.02 -14.98
N GLU B 529 1.77 -26.06 -15.07
CA GLU B 529 0.49 -26.14 -14.35
C GLU B 529 0.69 -26.44 -12.88
N VAL B 530 1.72 -27.22 -12.53
CA VAL B 530 1.98 -27.51 -11.14
C VAL B 530 2.43 -26.23 -10.41
N MET B 531 3.35 -25.48 -11.03
CA MET B 531 3.83 -24.21 -10.48
C MET B 531 2.67 -23.25 -10.24
N ASP B 532 1.69 -23.29 -11.15
CA ASP B 532 0.54 -22.42 -11.07
C ASP B 532 -0.38 -22.89 -9.96
N THR B 533 -0.61 -24.19 -9.87
CA THR B 533 -1.47 -24.68 -8.82
C THR B 533 -0.83 -24.40 -7.45
N TYR B 534 0.48 -24.54 -7.36
CA TYR B 534 1.21 -24.17 -6.15
C TYR B 534 1.02 -22.70 -5.74
N ILE B 535 1.25 -21.79 -6.68
CA ILE B 535 1.14 -20.35 -6.39
C ILE B 535 -0.25 -20.04 -5.85
N LYS B 536 -1.26 -20.62 -6.48
CA LYS B 536 -2.63 -20.27 -6.18
C LYS B 536 -3.04 -20.81 -4.82
N SER B 537 -2.72 -22.08 -4.54
CA SER B 537 -2.97 -22.65 -3.22
C SER B 537 -2.27 -21.81 -2.14
N CYS B 538 -0.99 -21.47 -2.35
CA CYS B 538 -0.27 -20.57 -1.45
C CYS B 538 -1.06 -19.31 -1.21
N ALA B 539 -1.43 -18.63 -2.29
CA ALA B 539 -2.12 -17.37 -2.17
C ALA B 539 -3.38 -17.58 -1.38
N GLY B 540 -4.13 -18.62 -1.74
CA GLY B 540 -5.44 -18.85 -1.15
C GLY B 540 -5.31 -18.99 0.34
N TYR B 541 -4.35 -19.82 0.74
CA TYR B 541 -4.18 -20.15 2.14
C TYR B 541 -3.64 -19.02 2.99
N CYS B 542 -2.71 -18.25 2.44
CA CYS B 542 -2.23 -17.07 3.14
C CYS B 542 -3.40 -16.19 3.55
N VAL B 543 -4.29 -15.90 2.62
CA VAL B 543 -5.37 -14.96 2.89
C VAL B 543 -6.34 -15.56 3.91
N ILE B 544 -6.78 -16.80 3.67
CA ILE B 544 -7.71 -17.51 4.57
C ILE B 544 -7.15 -17.67 5.98
N THR B 545 -5.87 -18.06 6.05
CA THR B 545 -5.17 -18.17 7.32
C THR B 545 -5.18 -16.81 8.00
N TYR B 546 -4.93 -15.75 7.23
CA TYR B 546 -4.93 -14.40 7.77
C TYR B 546 -6.32 -14.08 8.34
N LEU B 547 -7.36 -14.33 7.55
CA LEU B 547 -8.72 -14.00 7.96
C LEU B 547 -9.12 -14.73 9.23
N LEU B 548 -8.73 -16.00 9.35
CA LEU B 548 -9.15 -16.82 10.48
C LEU B 548 -8.13 -16.77 11.61
N GLY B 549 -7.08 -15.98 11.43
CA GLY B 549 -6.03 -15.79 12.45
C GLY B 549 -5.47 -17.10 12.93
N VAL B 550 -5.12 -17.98 11.98
CA VAL B 550 -4.65 -19.31 12.31
C VAL B 550 -3.20 -19.24 12.81
N GLY B 551 -2.97 -19.85 13.96
CA GLY B 551 -1.66 -19.80 14.59
C GLY B 551 -0.97 -21.14 14.64
N ASP B 552 0.24 -21.16 15.16
CA ASP B 552 0.96 -22.39 15.39
C ASP B 552 1.45 -23.01 14.09
N ARG B 553 1.61 -22.18 13.06
CA ARG B 553 2.07 -22.69 11.78
C ARG B 553 3.55 -23.07 11.81
N HIS B 554 3.85 -24.28 11.38
CA HIS B 554 5.22 -24.76 11.14
C HIS B 554 5.23 -25.75 9.96
N LEU B 555 6.38 -26.32 9.64
CA LEU B 555 6.50 -27.11 8.42
C LEU B 555 5.92 -28.53 8.48
N ASP B 556 5.46 -28.91 9.67
CA ASP B 556 4.63 -30.12 9.84
C ASP B 556 3.16 -29.77 9.62
N ASN B 557 2.84 -28.49 9.81
CA ASN B 557 1.50 -27.97 9.65
C ASN B 557 1.13 -27.77 8.21
N LEU B 558 2.11 -27.62 7.34
CA LEU B 558 1.81 -27.39 5.94
C LEU B 558 2.37 -28.57 5.18
N LEU B 559 1.55 -29.09 4.27
CA LEU B 559 1.95 -30.21 3.46
C LEU B 559 1.71 -29.91 2.00
N LEU B 560 2.39 -30.66 1.15
CA LEU B 560 2.29 -30.47 -0.26
C LEU B 560 1.85 -31.77 -0.88
N THR B 561 1.11 -31.67 -1.97
CA THR B 561 0.79 -32.82 -2.82
C THR B 561 1.72 -32.87 -4.02
N THR B 562 1.87 -34.04 -4.60
CA THR B 562 2.64 -34.23 -5.84
C THR B 562 2.10 -33.27 -6.90
N ASN B 563 0.80 -33.01 -6.78
CA ASN B 563 0.04 -32.15 -7.65
C ASN B 563 0.44 -30.67 -7.55
N GLY B 564 1.08 -30.32 -6.45
CA GLY B 564 1.49 -28.94 -6.24
C GLY B 564 0.64 -28.12 -5.30
N LYS B 565 -0.52 -28.63 -4.88
CA LYS B 565 -1.38 -27.88 -3.99
C LYS B 565 -0.59 -27.76 -2.68
N LEU B 566 -0.64 -26.61 -2.02
CA LEU B 566 -0.20 -26.55 -0.63
C LEU B 566 -1.43 -26.39 0.22
N PHE B 567 -1.47 -27.00 1.39
CA PHE B 567 -2.59 -26.77 2.31
C PHE B 567 -2.20 -26.88 3.77
N HIS B 568 -3.02 -26.27 4.64
CA HIS B 568 -2.74 -26.35 6.06
C HIS B 568 -3.53 -27.46 6.71
N ILE B 569 -2.78 -28.23 7.51
CA ILE B 569 -3.27 -29.41 8.16
C ILE B 569 -4.07 -29.18 9.44
N ASP B 570 -3.57 -28.39 10.37
CA ASP B 570 -4.10 -28.58 11.74
C ASP B 570 -4.38 -27.33 12.55
N PHE B 571 -5.60 -27.26 13.07
CA PHE B 571 -6.10 -26.01 13.63
C PHE B 571 -6.25 -25.96 15.15
N GLY B 572 -5.12 -26.20 15.82
CA GLY B 572 -5.01 -26.06 17.27
C GLY B 572 -5.25 -24.63 17.74
N TYR B 573 -4.68 -23.66 17.02
CA TYR B 573 -4.82 -22.26 17.41
C TYR B 573 -5.49 -21.40 16.34
N ILE B 574 -6.49 -20.65 16.78
CA ILE B 574 -7.48 -19.99 15.92
C ILE B 574 -7.75 -18.58 16.42
N LEU B 575 -8.16 -17.68 15.52
CA LEU B 575 -8.57 -16.32 15.88
C LEU B 575 -7.47 -15.52 16.56
N GLY B 576 -6.24 -15.71 16.14
CA GLY B 576 -5.13 -14.94 16.67
C GLY B 576 -4.27 -15.67 17.68
N ARG B 577 -4.84 -16.63 18.41
CA ARG B 577 -4.06 -17.35 19.42
C ARG B 577 -2.87 -18.03 18.76
N ASP B 578 -1.70 -17.80 19.33
CA ASP B 578 -0.49 -18.54 18.98
C ASP B 578 0.21 -18.88 20.29
N PRO B 579 0.89 -20.04 20.37
CA PRO B 579 1.70 -20.25 21.56
C PRO B 579 2.77 -19.18 21.63
N LYS B 580 3.35 -18.89 20.48
CA LYS B 580 4.43 -17.91 20.35
C LYS B 580 3.93 -16.47 20.41
N PRO B 581 4.82 -15.53 20.82
CA PRO B 581 4.38 -14.20 21.19
C PRO B 581 4.11 -13.29 20.00
N MET B 582 4.71 -13.59 18.84
CA MET B 582 4.46 -12.73 17.69
C MET B 582 3.59 -13.33 16.59
N PRO B 583 3.27 -12.52 15.58
CA PRO B 583 2.73 -13.09 14.36
C PRO B 583 3.79 -14.00 13.70
N PRO B 584 4.16 -13.79 12.42
CA PRO B 584 3.81 -12.81 11.41
C PRO B 584 2.34 -12.89 10.98
N PRO B 585 1.76 -11.75 10.56
CA PRO B 585 0.35 -11.76 10.23
C PRO B 585 0.10 -12.69 9.04
N MET B 586 1.07 -12.78 8.13
CA MET B 586 0.99 -13.71 7.02
C MET B 586 2.01 -14.85 7.20
N LYS B 587 1.62 -16.08 6.85
CA LYS B 587 2.48 -17.22 7.11
C LYS B 587 3.18 -17.78 5.86
N LEU B 588 4.44 -17.45 5.68
CA LEU B 588 5.23 -18.04 4.61
C LEU B 588 6.60 -18.42 5.14
N SER B 589 6.94 -19.70 5.05
CA SER B 589 8.29 -20.15 5.30
C SER B 589 9.19 -19.51 4.25
N LYS B 590 10.49 -19.51 4.54
CA LYS B 590 11.48 -19.06 3.57
C LYS B 590 11.41 -19.94 2.34
N GLU B 591 11.32 -21.25 2.60
CA GLU B 591 11.35 -22.29 1.59
C GLU B 591 10.23 -22.15 0.57
N MET B 592 9.12 -21.60 1.03
CA MET B 592 7.94 -21.41 0.21
C MET B 592 8.19 -20.32 -0.82
N VAL B 593 8.88 -19.28 -0.39
CA VAL B 593 9.19 -18.13 -1.25
C VAL B 593 10.27 -18.50 -2.27
N GLU B 594 11.20 -19.36 -1.87
CA GLU B 594 12.22 -19.83 -2.80
C GLU B 594 11.53 -20.70 -3.83
N ALA B 595 10.54 -21.49 -3.36
CA ALA B 595 9.72 -22.34 -4.21
C ALA B 595 9.03 -21.52 -5.28
N MET B 596 8.67 -20.29 -4.93
CA MET B 596 8.15 -19.33 -5.89
C MET B 596 9.27 -18.75 -6.75
N GLY B 597 10.51 -18.89 -6.30
CA GLY B 597 11.65 -18.30 -7.00
C GLY B 597 11.98 -16.92 -6.51
N GLY B 598 11.46 -16.58 -5.32
CA GLY B 598 11.87 -15.38 -4.60
C GLY B 598 11.19 -14.12 -5.05
N ILE B 599 11.41 -13.03 -4.31
CA ILE B 599 10.64 -11.80 -4.48
C ILE B 599 10.69 -11.18 -5.89
N SER B 600 11.84 -11.21 -6.55
CA SER B 600 11.97 -10.68 -7.91
C SER B 600 11.68 -11.73 -8.97
N SER B 601 10.52 -12.37 -8.89
CA SER B 601 10.14 -13.38 -9.88
C SER B 601 8.71 -13.14 -10.36
N GLU B 602 8.40 -13.67 -11.55
CA GLU B 602 7.08 -13.49 -12.12
C GLU B 602 6.05 -14.30 -11.40
N HIS B 603 6.44 -15.46 -10.91
CA HIS B 603 5.53 -16.27 -10.12
C HIS B 603 5.16 -15.63 -8.79
N HIS B 604 6.13 -15.00 -8.14
CA HIS B 604 5.90 -14.35 -6.86
C HIS B 604 4.94 -13.18 -7.01
N HIS B 605 5.05 -12.48 -8.14
CA HIS B 605 4.17 -11.37 -8.43
C HIS B 605 2.73 -11.84 -8.62
N GLU B 606 2.54 -12.88 -9.43
CA GLU B 606 1.22 -13.50 -9.60
C GLU B 606 0.62 -13.97 -8.28
N PHE B 607 1.47 -14.54 -7.42
CA PHE B 607 1.06 -14.98 -6.10
C PHE B 607 0.49 -13.83 -5.30
N ARG B 608 1.21 -12.72 -5.26
CA ARG B 608 0.73 -11.54 -4.54
C ARG B 608 -0.57 -11.06 -5.19
N LYS B 609 -0.55 -10.97 -6.52
CA LYS B 609 -1.69 -10.50 -7.28
C LYS B 609 -2.91 -11.36 -6.98
N GLN B 610 -2.66 -12.64 -6.77
CA GLN B 610 -3.71 -13.58 -6.42
C GLN B 610 -4.24 -13.39 -5.00
N CYS B 611 -3.33 -13.04 -4.09
CA CYS B 611 -3.69 -12.76 -2.71
C CYS B 611 -4.65 -11.60 -2.63
N TYR B 612 -4.30 -10.48 -3.27
CA TYR B 612 -5.08 -9.27 -3.13
C TYR B 612 -6.47 -9.57 -3.62
N THR B 613 -6.52 -10.28 -4.74
CA THR B 613 -7.75 -10.52 -5.43
C THR B 613 -8.68 -11.45 -4.64
N ALA B 614 -8.11 -12.47 -4.01
CA ALA B 614 -8.87 -13.39 -3.18
C ALA B 614 -9.46 -12.58 -2.03
N TYR B 615 -8.64 -11.67 -1.50
CA TYR B 615 -9.00 -10.85 -0.37
C TYR B 615 -10.16 -9.93 -0.70
N LEU B 616 -10.14 -9.30 -1.87
CA LEU B 616 -11.16 -8.34 -2.26
C LEU B 616 -12.50 -9.02 -2.36
N HIS B 617 -12.48 -10.18 -2.99
CA HIS B 617 -13.65 -11.00 -3.19
C HIS B 617 -14.27 -11.45 -1.90
N LEU B 618 -13.47 -11.96 -0.96
CA LEU B 618 -14.01 -12.44 0.31
C LEU B 618 -14.62 -11.29 1.10
N ARG B 619 -13.99 -10.12 1.01
CA ARG B 619 -14.51 -8.94 1.63
C ARG B 619 -15.96 -8.74 1.18
N ARG B 620 -16.22 -8.99 -0.10
CA ARG B 620 -17.55 -8.78 -0.67
C ARG B 620 -18.61 -9.71 -0.05
N HIS B 621 -18.16 -10.88 0.38
CA HIS B 621 -19.04 -11.88 0.96
C HIS B 621 -18.93 -11.91 2.46
N ALA B 622 -18.65 -10.76 3.05
CA ALA B 622 -18.29 -10.74 4.46
C ALA B 622 -19.48 -11.13 5.34
N ASN B 623 -20.67 -10.72 4.92
CA ASN B 623 -21.90 -10.91 5.66
C ASN B 623 -22.23 -12.36 6.03
N VAL B 624 -22.03 -13.26 5.09
CA VAL B 624 -22.24 -14.68 5.31
C VAL B 624 -21.33 -15.17 6.43
N MET B 625 -20.05 -14.84 6.34
CA MET B 625 -19.07 -15.33 7.29
C MET B 625 -19.36 -14.76 8.67
N LEU B 626 -19.69 -13.48 8.72
CA LEU B 626 -19.93 -12.85 10.00
C LEU B 626 -21.14 -13.48 10.69
N ASN B 627 -22.22 -13.70 9.93
CA ASN B 627 -23.41 -14.34 10.46
C ASN B 627 -23.12 -15.76 10.89
N LEU B 628 -22.37 -16.50 10.08
CA LEU B 628 -21.98 -17.84 10.47
C LEU B 628 -21.24 -17.78 11.79
N PHE B 629 -20.31 -16.83 11.90
CA PHE B 629 -19.58 -16.68 13.14
C PHE B 629 -20.46 -16.27 14.32
N SER B 630 -21.38 -15.34 14.10
CA SER B 630 -22.28 -14.92 15.17
C SER B 630 -22.85 -16.15 15.84
N LEU B 631 -23.39 -17.06 15.04
CA LEU B 631 -24.07 -18.22 15.59
C LEU B 631 -23.09 -19.20 16.24
N MET B 632 -21.82 -18.81 16.31
CA MET B 632 -20.78 -19.62 16.95
C MET B 632 -20.31 -19.07 18.31
N VAL B 633 -20.96 -18.03 18.80
CA VAL B 633 -20.55 -17.38 20.05
C VAL B 633 -20.58 -18.31 21.26
N ASP B 634 -21.65 -19.07 21.39
CA ASP B 634 -21.79 -19.97 22.52
C ASP B 634 -21.31 -21.36 22.11
N ALA B 635 -20.39 -21.37 21.15
CA ALA B 635 -20.12 -22.56 20.34
C ALA B 635 -19.50 -23.77 21.01
N THR B 636 -18.67 -23.58 22.02
CA THR B 636 -17.95 -24.72 22.66
C THR B 636 -16.66 -25.08 21.90
N VAL B 637 -16.24 -24.16 21.02
CA VAL B 637 -14.92 -24.17 20.43
C VAL B 637 -13.97 -23.55 21.46
N PRO B 638 -12.76 -24.12 21.67
CA PRO B 638 -11.79 -23.59 22.63
C PRO B 638 -11.57 -22.09 22.52
N ASP B 639 -11.22 -21.62 21.33
CA ASP B 639 -10.78 -20.22 21.14
C ASP B 639 -11.88 -19.17 21.13
N ILE B 640 -13.11 -19.60 20.86
CA ILE B 640 -14.26 -18.71 20.97
C ILE B 640 -14.63 -18.57 22.45
N ALA B 641 -14.49 -19.66 23.20
CA ALA B 641 -14.88 -19.73 24.61
C ALA B 641 -14.13 -18.77 25.53
N LEU B 642 -12.87 -18.46 25.20
CA LEU B 642 -12.05 -17.55 26.00
C LEU B 642 -12.55 -16.12 25.92
N GLU B 643 -12.89 -15.68 24.70
CA GLU B 643 -13.40 -14.34 24.46
C GLU B 643 -14.55 -14.38 23.46
N PRO B 644 -15.71 -14.89 23.89
CA PRO B 644 -16.90 -14.95 23.03
C PRO B 644 -17.22 -13.64 22.34
N ASP B 645 -17.31 -12.56 23.10
CA ASP B 645 -17.70 -11.25 22.57
C ASP B 645 -16.71 -10.75 21.52
N LYS B 646 -15.44 -11.06 21.73
CA LYS B 646 -14.38 -10.58 20.86
C LYS B 646 -14.29 -11.37 19.54
N ALA B 647 -14.63 -12.67 19.59
CA ALA B 647 -14.52 -13.60 18.45
C ALA B 647 -15.02 -13.10 17.09
N VAL B 648 -16.29 -12.71 17.01
CA VAL B 648 -16.85 -12.16 15.77
C VAL B 648 -16.01 -10.97 15.36
N LYS B 649 -15.74 -10.08 16.32
CA LYS B 649 -14.98 -8.88 16.07
C LYS B 649 -13.58 -9.15 15.51
N LYS B 650 -12.99 -10.29 15.84
CA LYS B 650 -11.64 -10.61 15.39
C LYS B 650 -11.63 -10.90 13.90
N VAL B 651 -12.61 -11.66 13.42
CA VAL B 651 -12.71 -11.95 11.99
C VAL B 651 -13.09 -10.68 11.23
N GLU B 652 -14.03 -9.92 11.79
CA GLU B 652 -14.55 -8.73 11.12
C GLU B 652 -13.44 -7.71 10.92
N GLU B 653 -12.52 -7.68 11.88
CA GLU B 653 -11.40 -6.76 11.86
C GLU B 653 -10.41 -7.10 10.74
N ASN B 654 -10.11 -8.38 10.54
CA ASN B 654 -9.22 -8.83 9.47
C ASN B 654 -9.81 -8.54 8.11
N LEU B 655 -11.14 -8.52 8.05
CA LEU B 655 -11.84 -8.19 6.82
C LEU B 655 -11.67 -6.72 6.46
N GLN B 656 -11.53 -5.86 7.46
CA GLN B 656 -11.12 -4.47 7.23
C GLN B 656 -12.14 -3.71 6.37
N LEU B 657 -13.41 -3.92 6.68
CA LEU B 657 -14.49 -3.44 5.82
C LEU B 657 -14.54 -1.91 5.74
N GLY B 658 -14.00 -1.25 6.76
CA GLY B 658 -13.95 0.20 6.80
C GLY B 658 -13.15 0.78 5.67
N LEU B 659 -12.16 0.03 5.20
CA LEU B 659 -11.29 0.48 4.14
C LEU B 659 -11.96 0.37 2.79
N THR B 660 -11.72 1.36 1.92
CA THR B 660 -12.08 1.21 0.51
C THR B 660 -11.15 0.17 -0.10
N ASP B 661 -11.51 -0.27 -1.29
CA ASP B 661 -10.84 -1.41 -1.92
C ASP B 661 -9.34 -1.26 -2.08
N GLU B 662 -8.88 -0.08 -2.49
CA GLU B 662 -7.44 0.06 -2.73
C GLU B 662 -6.76 0.09 -1.40
N GLU B 663 -7.37 0.75 -0.43
CA GLU B 663 -6.79 0.85 0.90
C GLU B 663 -6.65 -0.54 1.45
N ALA B 664 -7.67 -1.34 1.22
CA ALA B 664 -7.69 -2.74 1.60
C ALA B 664 -6.54 -3.50 0.96
N VAL B 665 -6.27 -3.27 -0.33
CA VAL B 665 -5.17 -3.95 -1.01
C VAL B 665 -3.84 -3.53 -0.37
N GLN B 666 -3.69 -2.23 -0.14
CA GLN B 666 -2.49 -1.66 0.46
C GLN B 666 -2.20 -2.35 1.76
N HIS B 667 -3.26 -2.44 2.59
CA HIS B 667 -3.23 -3.05 3.89
C HIS B 667 -2.64 -4.44 3.78
N LEU B 668 -3.10 -5.22 2.80
CA LEU B 668 -2.66 -6.57 2.67
C LEU B 668 -1.23 -6.64 2.15
N GLN B 669 -0.86 -5.67 1.31
CA GLN B 669 0.50 -5.56 0.82
C GLN B 669 1.43 -5.40 1.99
N SER B 670 1.00 -4.57 2.94
CA SER B 670 1.83 -4.26 4.08
C SER B 670 2.16 -5.51 4.87
N LEU B 671 1.14 -6.34 5.12
CA LEU B 671 1.32 -7.52 5.95
C LEU B 671 2.19 -8.51 5.25
N LEU B 672 1.97 -8.65 3.95
CA LEU B 672 2.78 -9.51 3.11
C LEU B 672 4.23 -9.06 3.14
N ASP B 673 4.45 -7.74 3.05
CA ASP B 673 5.79 -7.16 3.08
C ASP B 673 6.55 -7.54 4.32
N VAL B 674 6.01 -7.24 5.51
CA VAL B 674 6.70 -7.59 6.75
C VAL B 674 6.98 -9.07 6.82
N SER B 675 5.97 -9.86 6.46
CA SER B 675 6.06 -11.29 6.66
C SER B 675 7.15 -11.88 5.79
N ILE B 676 7.23 -11.44 4.54
CA ILE B 676 8.25 -11.93 3.61
C ILE B 676 9.66 -11.42 3.96
N THR B 677 9.78 -10.13 4.33
CA THR B 677 11.09 -9.61 4.73
C THR B 677 11.70 -10.44 5.85
N ALA B 678 10.89 -10.75 6.87
CA ALA B 678 11.37 -11.43 8.08
C ALA B 678 12.05 -12.74 7.72
N VAL B 679 11.46 -13.39 6.74
CA VAL B 679 11.79 -14.72 6.34
C VAL B 679 13.04 -14.74 5.49
N MET B 680 13.16 -13.79 4.57
CA MET B 680 14.31 -13.71 3.67
C MET B 680 15.48 -12.92 4.29
N PRO B 681 16.66 -13.55 4.45
CA PRO B 681 17.79 -12.91 5.13
C PRO B 681 18.38 -11.72 4.36
N ALA B 682 18.34 -11.75 3.03
CA ALA B 682 18.78 -10.61 2.22
C ALA B 682 17.95 -9.37 2.50
N LEU B 683 16.66 -9.55 2.73
CA LEU B 683 15.75 -8.44 3.00
C LEU B 683 16.00 -7.83 4.36
N VAL B 684 16.38 -8.69 5.31
CA VAL B 684 16.73 -8.31 6.69
C VAL B 684 18.02 -7.50 6.74
N GLU B 685 18.99 -7.92 5.93
CA GLU B 685 20.30 -7.30 5.91
C GLU B 685 20.12 -5.89 5.35
N GLN B 686 19.33 -5.79 4.29
CA GLN B 686 19.04 -4.50 3.69
C GLN B 686 18.49 -3.53 4.73
N ILE B 687 17.61 -4.00 5.59
CA ILE B 687 17.09 -3.17 6.67
C ILE B 687 18.21 -2.80 7.64
N HIS B 688 19.15 -3.72 7.86
CA HIS B 688 20.31 -3.43 8.68
C HIS B 688 21.01 -2.20 8.09
N ARG B 689 21.30 -2.25 6.79
CA ARG B 689 22.06 -1.19 6.16
C ARG B 689 21.33 0.15 6.18
N PHE B 690 20.01 0.09 6.13
CA PHE B 690 19.21 1.31 6.12
C PHE B 690 19.20 1.95 7.48
N THR B 691 19.17 1.12 8.53
CA THR B 691 19.18 1.60 9.89
C THR B 691 20.50 2.33 10.07
N GLN B 692 21.57 1.67 9.61
CA GLN B 692 22.94 2.15 9.70
C GLN B 692 23.08 3.52 9.08
N TYR B 693 22.24 3.81 8.11
CA TYR B 693 22.35 5.05 7.40
C TYR B 693 22.28 6.27 8.31
N TRP B 694 21.32 6.32 9.24
CA TRP B 694 21.18 7.50 10.10
C TRP B 694 22.14 7.53 11.28
N ARG B 695 22.74 6.39 11.60
CA ARG B 695 23.80 6.28 12.58
C ARG B 695 25.10 6.96 12.03
N LYS B 696 25.81 7.70 12.89
CA LYS B 696 27.20 8.20 12.61
C LYS B 696 27.64 9.22 13.67
#